data_5MWK
#
_entry.id   5MWK
#
_cell.length_a   65.254
_cell.length_b   86.216
_cell.length_c   123.200
_cell.angle_alpha   90.00
_cell.angle_beta   99.38
_cell.angle_gamma   90.00
#
_symmetry.space_group_name_H-M   'P 1 21 1'
#
loop_
_entity.id
_entity.type
_entity.pdbx_description
1 polymer 'Glycoside hydrolase family 2, sugar binding protein'
2 branched 'alpha-L-rhamnopyranose-(1-2)-alpha-L-arabinopyranose-(1-4)-[4-O-[(1R)-1-hydroxyethyl]-2-O-methyl-alpha-L-fucopyranose-(1-2)]beta-D-galactopyranose-(1-2)-alpha-D-aceric acid-(1-3)-alpha-L-rhamnopyranose'
3 non-polymer 'IODIDE ION'
4 non-polymer 'CALCIUM ION'
5 non-polymer 'BROMIDE ION'
6 water water
#
_entity_poly.entity_id   1
_entity_poly.type   'polypeptide(L)'
_entity_poly.pdbx_seq_one_letter_code
;MKSRLKQQIFAISLLACTAISPANALQTHLLREQFQNPSDEAKPWTFWYWMFGAVSKEGITADLEAMKRAGLGGTYLMPI
KGIKEGPQYNGKAQQLTPEWWEMVRFSMEEADRLGLKLGMHICDGFALAGGPWMTPKESMQKIVWSDTIVDGGKIKGLHL
PQPEAYEGFYEDISLFALPVKEEAADVMPAQITCANIATGNHIDIKKTVNMDDAGVIRSSYPCYIQYEYEQPFTCRNIEI
ILSGNNYQAHRLKVMASDDGVNYRLVKQLVPARQGWQNTDENSTHAIPATTARYFRFYWTPEGSEPGSEDMDAAKWKPNL
KIKELRLHREARLDQWEGKAGLVWRVASSTKKEEIGEQDCYALSQIINLTDPFKNSPSDNFKERTLTATLPKGKWKLLRM
GHTATGHTNATAGGGKGLECDKFNPKAVRKQFDNWFAQAFVKTNPDVARRVLKYMHVDSWQCGSQNWSDTFAAEFRKRRG
YDLMPYLPLLAGIPMESAERSEKILRDVRTTIGELVVDVFYQVLADCAKEYDCQFSAECVAPTMVSDGLLHYQKVDLPMG
EFWLNSPTHDKPNDMLDAISGAHIYGKNIIQAEGFTEVRGTWNEHPGILKALLDRNYALGINRLFFHVYVHNPWLDRKPG
MTLDGIGLFFQRDQTWWNKGAKAFCEYITRCQSLLQYGHPVADIAVFTGEEMPRRSILPERLVPSLPGIFGAERVESERI
RLANEGQPLRVRPVGVTHSANMSDPEKWVNPLRGYAYDSFNKDALLRLAKAENGRMTLPGGASYKVLVLPLPRPMNPDPA
ALSPEVKQKINELKEAGILIPSLPYKEDDFSSYGLERDLIVPENIAWTHRQGEQGDIYFIANQLEETRTFTASMRIDGRK
PECWNPVTGEINADIPYEQKSHRTEITLTLAPNESVFIVYPAEEDDKETSEKERKEKKDSVKEASETGLEATEYTVTFTA
NGKTIQRQELFDWSKEEDEQIRYYSGTAVYKTTFRWKSKVKEDQQVYLNLGKVCDLATVRVNGIDCGTIWTAPYRADITA
ALKKGVNELEIEVTNTWANALKGADEGKAPFDGIWTNAKYRRAENTLLPAGLLGPLNFDVANKNK
;
_entity_poly.pdbx_strand_id   A
#
# COMPACT_ATOMS: atom_id res chain seq x y z
N LEU A 30 2.11 -5.38 35.02
CA LEU A 30 1.61 -3.99 35.31
C LEU A 30 1.94 -3.03 34.17
N LEU A 31 1.07 -2.07 33.93
CA LEU A 31 1.26 -1.11 32.84
C LEU A 31 2.56 -0.32 32.99
N ARG A 32 2.81 0.20 34.19
CA ARG A 32 4.04 0.97 34.47
C ARG A 32 5.35 0.26 34.18
N GLU A 33 5.43 -1.04 34.45
CA GLU A 33 6.66 -1.83 34.16
C GLU A 33 6.80 -2.20 32.68
N GLN A 34 5.69 -2.49 32.00
CA GLN A 34 5.69 -2.65 30.53
C GLN A 34 6.24 -1.38 29.84
N PHE A 35 5.75 -0.21 30.26
CA PHE A 35 6.21 1.06 29.69
C PHE A 35 7.67 1.32 30.02
N GLN A 36 8.07 1.02 31.26
CA GLN A 36 9.45 1.25 31.72
C GLN A 36 10.45 0.12 31.39
N ASN A 37 10.00 -1.13 31.39
CA ASN A 37 10.84 -2.23 30.94
C ASN A 37 10.09 -3.07 29.88
N PRO A 38 10.05 -2.58 28.62
CA PRO A 38 9.18 -3.28 27.65
C PRO A 38 9.71 -4.65 27.23
N SER A 39 8.81 -5.52 26.80
CA SER A 39 9.18 -6.87 26.40
C SER A 39 9.71 -6.84 24.98
N ASP A 40 10.14 -8.02 24.52
CA ASP A 40 10.78 -8.16 23.20
C ASP A 40 9.76 -8.07 22.09
N GLU A 41 8.52 -8.47 22.37
CA GLU A 41 7.41 -8.31 21.42
C GLU A 41 7.11 -6.84 21.06
N ALA A 42 7.47 -5.91 21.95
CA ALA A 42 7.26 -4.47 21.73
C ALA A 42 8.28 -3.74 20.79
N LYS A 43 9.40 -4.39 20.49
CA LYS A 43 10.47 -3.79 19.67
C LYS A 43 10.10 -3.77 18.20
N PRO A 44 10.48 -2.69 17.48
CA PRO A 44 10.37 -2.67 16.03
C PRO A 44 11.40 -3.61 15.36
N TRP A 45 11.12 -3.96 14.11
CA TRP A 45 11.98 -4.81 13.27
C TRP A 45 12.39 -3.99 12.03
N THR A 46 13.20 -4.60 11.16
CA THR A 46 13.54 -4.03 9.86
C THR A 46 13.46 -5.11 8.74
N PHE A 47 13.14 -4.69 7.53
CA PHE A 47 13.48 -5.44 6.31
C PHE A 47 15.00 -5.31 6.05
N TRP A 48 15.64 -6.43 5.67
CA TRP A 48 17.10 -6.45 5.32
C TRP A 48 17.28 -6.94 3.88
N TYR A 49 17.62 -6.00 2.97
CA TYR A 49 17.75 -6.30 1.54
C TYR A 49 19.24 -6.53 1.15
N TRP A 50 19.51 -7.67 0.48
CA TRP A 50 20.83 -8.03 -0.09
C TRP A 50 20.80 -7.77 -1.59
N MET A 51 21.62 -6.84 -2.07
CA MET A 51 21.47 -6.38 -3.47
C MET A 51 22.43 -7.07 -4.46
N PHE A 52 21.89 -7.57 -5.57
CA PHE A 52 22.70 -7.97 -6.73
C PHE A 52 23.76 -9.03 -6.42
N GLY A 53 23.51 -9.89 -5.41
CA GLY A 53 24.51 -10.85 -4.93
C GLY A 53 25.81 -10.33 -4.33
N ALA A 54 25.86 -9.03 -3.99
CA ALA A 54 27.02 -8.40 -3.37
C ALA A 54 26.88 -8.41 -1.84
N VAL A 55 27.45 -9.43 -1.20
CA VAL A 55 27.30 -9.71 0.23
C VAL A 55 28.65 -10.14 0.80
N SER A 56 29.03 -9.63 1.96
CA SER A 56 30.26 -10.05 2.65
C SER A 56 29.99 -10.35 4.13
N LYS A 57 30.80 -11.24 4.68
CA LYS A 57 30.74 -11.59 6.10
C LYS A 57 31.02 -10.40 6.99
N GLU A 58 32.01 -9.59 6.63
CA GLU A 58 32.35 -8.44 7.45
C GLU A 58 31.16 -7.45 7.52
N GLY A 59 30.43 -7.30 6.43
CA GLY A 59 29.22 -6.47 6.42
C GLY A 59 28.05 -7.08 7.19
N ILE A 60 27.94 -8.41 7.17
CA ILE A 60 26.92 -9.10 7.93
C ILE A 60 27.08 -8.88 9.45
N THR A 61 28.33 -9.00 9.91
CA THR A 61 28.63 -8.82 11.33
C THR A 61 28.32 -7.38 11.71
N ALA A 62 28.85 -6.42 10.94
CA ALA A 62 28.61 -5.00 11.23
C ALA A 62 27.11 -4.62 11.22
N ASP A 63 26.34 -5.23 10.33
CA ASP A 63 24.92 -4.92 10.17
C ASP A 63 24.13 -5.46 11.37
N LEU A 64 24.30 -6.73 11.69
CA LEU A 64 23.56 -7.33 12.78
C LEU A 64 23.90 -6.69 14.14
N GLU A 65 25.17 -6.32 14.36
CA GLU A 65 25.56 -5.59 15.58
C GLU A 65 24.95 -4.18 15.68
N ALA A 66 24.90 -3.47 14.54
CA ALA A 66 24.27 -2.16 14.50
C ALA A 66 22.79 -2.31 14.86
N MET A 67 22.12 -3.33 14.33
CA MET A 67 20.69 -3.57 14.58
C MET A 67 20.45 -3.86 16.06
N LYS A 68 21.26 -4.74 16.65
CA LYS A 68 21.16 -5.04 18.07
C LYS A 68 21.37 -3.77 18.91
N ARG A 69 22.42 -2.98 18.61
CA ARG A 69 22.71 -1.73 19.38
C ARG A 69 21.60 -0.66 19.31
N ALA A 70 20.90 -0.59 18.18
CA ALA A 70 19.77 0.32 18.02
C ALA A 70 18.53 -0.14 18.77
N GLY A 71 18.48 -1.39 19.21
CA GLY A 71 17.30 -1.89 19.93
C GLY A 71 16.22 -2.55 19.07
N LEU A 72 16.57 -3.01 17.87
CA LEU A 72 15.61 -3.75 17.04
C LEU A 72 15.50 -5.17 17.57
N GLY A 73 14.34 -5.80 17.35
CA GLY A 73 14.13 -7.19 17.80
C GLY A 73 14.47 -8.29 16.80
N GLY A 74 14.50 -7.94 15.51
CA GLY A 74 14.78 -8.93 14.49
C GLY A 74 14.79 -8.31 13.11
N THR A 75 14.97 -9.16 12.09
CA THR A 75 14.98 -8.71 10.70
C THR A 75 14.49 -9.79 9.71
N TYR A 76 13.89 -9.34 8.60
CA TYR A 76 13.44 -10.25 7.55
C TYR A 76 14.51 -10.17 6.48
N LEU A 77 15.23 -11.27 6.28
CA LEU A 77 16.29 -11.34 5.29
C LEU A 77 15.75 -11.69 3.87
N MET A 78 15.91 -10.77 2.93
CA MET A 78 15.29 -10.86 1.59
C MET A 78 16.27 -10.36 0.50
N PRO A 79 16.80 -11.28 -0.33
CA PRO A 79 17.71 -10.82 -1.38
C PRO A 79 16.92 -10.35 -2.61
N ILE A 80 17.47 -9.35 -3.27
CA ILE A 80 16.79 -8.63 -4.35
C ILE A 80 17.78 -8.57 -5.55
N LYS A 81 17.38 -9.16 -6.66
CA LYS A 81 18.19 -9.22 -7.90
C LYS A 81 19.54 -10.01 -7.74
N GLY A 82 20.30 -10.11 -8.84
CA GLY A 82 21.52 -10.91 -8.88
C GLY A 82 22.59 -10.26 -9.72
N ILE A 83 23.61 -11.05 -10.07
CA ILE A 83 24.82 -10.52 -10.72
C ILE A 83 24.48 -9.92 -12.09
N LYS A 84 23.55 -10.54 -12.82
CA LYS A 84 23.11 -10.07 -14.15
C LYS A 84 22.61 -8.64 -14.14
N GLU A 85 21.82 -8.34 -13.11
CA GLU A 85 21.23 -7.02 -12.96
C GLU A 85 22.25 -5.99 -12.44
N GLY A 86 23.28 -6.44 -11.70
CA GLY A 86 24.34 -5.53 -11.21
C GLY A 86 25.79 -6.01 -11.34
N PRO A 87 26.25 -6.31 -12.59
CA PRO A 87 27.57 -6.93 -12.81
C PRO A 87 28.73 -6.08 -12.30
N GLN A 88 28.58 -4.76 -12.33
CA GLN A 88 29.61 -3.85 -11.83
C GLN A 88 29.99 -4.04 -10.34
N TYR A 89 29.10 -4.63 -9.54
CA TYR A 89 29.37 -4.78 -8.11
C TYR A 89 30.18 -6.02 -7.74
N ASN A 90 30.38 -6.92 -8.71
CA ASN A 90 31.22 -8.12 -8.57
C ASN A 90 30.76 -9.08 -7.47
N GLY A 91 29.45 -9.35 -7.43
CA GLY A 91 28.85 -10.10 -6.32
C GLY A 91 29.25 -11.56 -6.32
N LYS A 92 29.62 -12.09 -5.14
CA LYS A 92 30.01 -13.51 -4.95
C LYS A 92 28.92 -14.40 -4.32
N ALA A 93 27.68 -13.92 -4.22
CA ALA A 93 26.62 -14.64 -3.50
C ALA A 93 25.27 -14.60 -4.24
N GLN A 94 25.27 -15.15 -5.45
CA GLN A 94 24.09 -15.38 -6.26
C GLN A 94 23.21 -16.35 -5.54
N GLN A 95 21.91 -16.05 -5.53
CA GLN A 95 20.96 -16.81 -4.75
C GLN A 95 20.97 -18.29 -5.17
N LEU A 96 20.93 -19.16 -4.16
CA LEU A 96 20.86 -20.61 -4.27
C LEU A 96 22.19 -21.32 -4.56
N THR A 97 23.28 -20.58 -4.86
CA THR A 97 24.63 -21.19 -4.95
C THR A 97 25.12 -21.59 -3.55
N PRO A 98 26.10 -22.52 -3.46
CA PRO A 98 26.73 -22.85 -2.16
C PRO A 98 27.31 -21.66 -1.40
N GLU A 99 27.86 -20.70 -2.11
CA GLU A 99 28.43 -19.51 -1.48
C GLU A 99 27.29 -18.68 -0.79
N TRP A 100 26.13 -18.58 -1.43
CA TRP A 100 24.99 -17.83 -0.88
C TRP A 100 24.45 -18.48 0.39
N TRP A 101 24.24 -19.79 0.36
CA TRP A 101 23.84 -20.52 1.57
C TRP A 101 24.82 -20.35 2.75
N GLU A 102 26.12 -20.30 2.48
CA GLU A 102 27.11 -20.02 3.53
C GLU A 102 26.92 -18.59 4.17
N MET A 103 26.52 -17.58 3.39
CA MET A 103 26.16 -16.27 3.96
C MET A 103 24.90 -16.34 4.84
N VAL A 104 23.88 -17.10 4.39
CA VAL A 104 22.64 -17.26 5.13
C VAL A 104 22.96 -17.96 6.47
N ARG A 105 23.77 -19.04 6.42
CA ARG A 105 24.22 -19.74 7.67
C ARG A 105 24.96 -18.83 8.64
N PHE A 106 25.92 -18.07 8.11
CA PHE A 106 26.67 -17.12 8.93
C PHE A 106 25.76 -16.05 9.56
N SER A 107 24.83 -15.51 8.76
CA SER A 107 23.81 -14.58 9.27
C SER A 107 23.01 -15.17 10.44
N MET A 108 22.57 -16.43 10.28
CA MET A 108 21.84 -17.14 11.36
C MET A 108 22.66 -17.32 12.63
N GLU A 109 23.94 -17.71 12.43
CA GLU A 109 24.88 -17.89 13.52
C GLU A 109 25.09 -16.57 14.28
N GLU A 110 25.29 -15.48 13.54
CA GLU A 110 25.47 -14.17 14.16
C GLU A 110 24.22 -13.65 14.84
N ALA A 111 23.05 -13.88 14.23
CA ALA A 111 21.78 -13.52 14.89
C ALA A 111 21.59 -14.23 16.23
N ASP A 112 21.87 -15.53 16.23
CA ASP A 112 21.83 -16.36 17.49
C ASP A 112 22.78 -15.80 18.57
N ARG A 113 24.04 -15.53 18.23
CA ARG A 113 25.00 -14.92 19.17
C ARG A 113 24.47 -13.60 19.74
N LEU A 114 23.79 -12.79 18.94
CA LEU A 114 23.32 -11.48 19.38
C LEU A 114 21.93 -11.47 20.01
N GLY A 115 21.19 -12.57 19.97
CA GLY A 115 19.81 -12.57 20.46
C GLY A 115 18.80 -11.86 19.56
N LEU A 116 19.06 -11.77 18.25
CA LEU A 116 18.07 -11.31 17.26
C LEU A 116 17.34 -12.51 16.65
N LYS A 117 16.10 -12.30 16.21
CA LYS A 117 15.31 -13.31 15.48
C LYS A 117 15.25 -12.94 14.00
N LEU A 118 14.87 -13.92 13.17
CA LEU A 118 14.80 -13.75 11.71
C LEU A 118 13.51 -14.24 11.10
N GLY A 119 13.20 -13.63 9.96
CA GLY A 119 12.26 -14.15 9.00
C GLY A 119 12.84 -14.17 7.60
N MET A 120 12.14 -14.87 6.72
CA MET A 120 12.44 -14.87 5.28
C MET A 120 11.13 -14.91 4.58
N HIS A 121 11.14 -14.47 3.32
CA HIS A 121 9.98 -14.45 2.44
C HIS A 121 9.85 -15.83 1.79
N ILE A 122 8.68 -16.14 1.23
CA ILE A 122 8.43 -17.45 0.55
C ILE A 122 9.02 -17.61 -0.87
N CYS A 123 9.65 -16.57 -1.39
CA CYS A 123 10.40 -16.62 -2.65
C CYS A 123 11.54 -15.59 -2.72
N ASP A 124 12.44 -15.79 -3.68
CA ASP A 124 13.47 -14.80 -3.99
C ASP A 124 12.81 -13.52 -4.53
N GLY A 125 13.46 -12.39 -4.26
CA GLY A 125 12.84 -11.06 -4.51
C GLY A 125 11.83 -10.65 -3.45
N PHE A 126 10.99 -9.67 -3.76
CA PHE A 126 9.99 -9.24 -2.76
C PHE A 126 8.55 -9.56 -3.15
N ALA A 127 8.36 -10.41 -4.18
CA ALA A 127 7.02 -10.79 -4.63
C ALA A 127 7.10 -11.83 -5.76
N LEU A 128 6.23 -12.85 -5.78
CA LEU A 128 5.36 -13.27 -4.67
C LEU A 128 5.54 -14.76 -4.27
N ALA A 129 5.40 -15.66 -5.26
CA ALA A 129 5.52 -17.11 -4.99
C ALA A 129 6.08 -17.91 -6.20
N GLY A 130 7.22 -17.45 -6.72
CA GLY A 130 7.80 -18.02 -7.92
C GLY A 130 9.14 -18.68 -7.71
N GLY A 131 9.54 -19.50 -8.69
CA GLY A 131 10.89 -20.09 -8.72
C GLY A 131 11.18 -20.91 -9.99
N PRO A 132 12.47 -21.21 -10.26
CA PRO A 132 12.89 -21.92 -11.51
C PRO A 132 12.39 -23.36 -11.64
N TRP A 133 12.07 -23.97 -10.51
CA TRP A 133 11.41 -25.27 -10.44
C TRP A 133 9.96 -25.33 -10.96
N MET A 134 9.32 -24.19 -11.22
CA MET A 134 7.94 -24.21 -11.68
C MET A 134 7.87 -24.27 -13.20
N THR A 135 7.05 -25.19 -13.71
CA THR A 135 6.77 -25.31 -15.15
C THR A 135 5.51 -24.52 -15.48
N PRO A 136 5.26 -24.26 -16.78
CA PRO A 136 4.02 -23.62 -17.20
C PRO A 136 2.73 -24.30 -16.68
N LYS A 137 2.73 -25.63 -16.67
CA LYS A 137 1.57 -26.39 -16.19
C LYS A 137 1.33 -26.14 -14.69
N GLU A 138 2.41 -25.95 -13.96
CA GLU A 138 2.37 -25.68 -12.52
C GLU A 138 2.15 -24.17 -12.14
N SER A 139 2.03 -23.29 -13.13
CA SER A 139 1.98 -21.84 -12.91
C SER A 139 0.53 -21.36 -12.93
N MET A 140 0.33 -20.07 -12.67
CA MET A 140 -1.01 -19.47 -12.67
C MET A 140 -1.64 -19.64 -14.07
N GLN A 141 -2.92 -20.02 -14.13
CA GLN A 141 -3.62 -20.38 -15.38
C GLN A 141 -4.77 -19.44 -15.71
N LYS A 142 -4.99 -19.19 -17.01
CA LYS A 142 -6.15 -18.44 -17.55
C LYS A 142 -6.86 -19.16 -18.73
N ILE A 143 -8.18 -18.99 -18.82
CA ILE A 143 -8.94 -19.45 -20.01
C ILE A 143 -8.57 -18.58 -21.22
N VAL A 144 -8.09 -19.23 -22.28
CA VAL A 144 -7.85 -18.63 -23.61
C VAL A 144 -8.74 -19.32 -24.68
N TRP A 145 -8.81 -18.78 -25.90
CA TRP A 145 -9.64 -19.34 -27.01
C TRP A 145 -9.23 -18.88 -28.41
N SER A 146 -9.81 -19.53 -29.43
CA SER A 146 -9.67 -19.16 -30.86
C SER A 146 -11.03 -19.28 -31.60
N ASP A 147 -11.18 -18.45 -32.64
CA ASP A 147 -12.42 -18.22 -33.42
C ASP A 147 -12.18 -18.69 -34.84
N THR A 148 -13.17 -19.31 -35.45
CA THR A 148 -13.25 -19.35 -36.94
C THR A 148 -14.69 -19.56 -37.37
N ILE A 149 -15.07 -18.96 -38.50
CA ILE A 149 -16.44 -19.04 -39.05
C ILE A 149 -16.43 -19.97 -40.26
N VAL A 150 -17.38 -20.92 -40.29
CA VAL A 150 -17.49 -21.91 -41.39
C VAL A 150 -18.93 -22.25 -41.75
N ASP A 151 -19.10 -22.71 -42.99
CA ASP A 151 -20.38 -23.18 -43.50
C ASP A 151 -20.70 -24.55 -42.91
N GLY A 152 -21.99 -24.77 -42.64
CA GLY A 152 -22.49 -25.98 -41.99
C GLY A 152 -22.46 -27.22 -42.88
N GLY A 153 -23.37 -28.16 -42.63
CA GLY A 153 -23.33 -29.46 -43.30
C GLY A 153 -22.16 -30.30 -42.78
N LYS A 154 -21.47 -30.99 -43.69
CA LYS A 154 -20.47 -32.00 -43.33
C LYS A 154 -19.05 -31.44 -43.26
N ILE A 155 -18.42 -31.53 -42.08
CA ILE A 155 -17.03 -31.05 -41.88
C ILE A 155 -16.10 -32.25 -41.74
N LYS A 156 -14.92 -32.15 -42.38
CA LYS A 156 -14.02 -33.28 -42.57
C LYS A 156 -12.55 -32.88 -42.43
N GLY A 157 -11.81 -33.60 -41.58
CA GLY A 157 -10.39 -33.37 -41.26
C GLY A 157 -9.88 -31.93 -41.11
N LEU A 158 -10.74 -31.03 -40.60
CA LEU A 158 -10.43 -29.59 -40.52
C LEU A 158 -9.45 -29.25 -39.39
N HIS A 159 -8.34 -28.59 -39.72
CA HIS A 159 -7.41 -27.98 -38.74
C HIS A 159 -7.99 -26.67 -38.21
N LEU A 160 -7.94 -26.47 -36.89
CA LEU A 160 -8.42 -25.23 -36.25
C LEU A 160 -7.25 -24.39 -35.76
N PRO A 161 -7.45 -23.06 -35.66
CA PRO A 161 -6.35 -22.21 -35.20
C PRO A 161 -6.03 -22.48 -33.73
N GLN A 162 -4.74 -22.45 -33.39
CA GLN A 162 -4.26 -22.78 -32.04
C GLN A 162 -4.33 -21.54 -31.15
N PRO A 163 -4.98 -21.63 -29.98
CA PRO A 163 -4.97 -20.47 -29.07
C PRO A 163 -3.60 -20.13 -28.51
N GLU A 164 -3.55 -19.10 -27.68
CA GLU A 164 -2.31 -18.66 -27.08
C GLU A 164 -1.77 -19.81 -26.27
N ALA A 165 -0.47 -20.06 -26.42
CA ALA A 165 0.23 -21.09 -25.68
C ALA A 165 1.53 -20.50 -25.14
N TYR A 166 1.61 -20.28 -23.83
CA TYR A 166 2.83 -19.75 -23.21
C TYR A 166 3.97 -20.79 -23.22
N GLU A 167 5.08 -20.47 -23.86
CA GLU A 167 6.22 -21.42 -24.10
C GLU A 167 5.75 -22.78 -24.66
N GLY A 168 4.73 -22.74 -25.52
CA GLY A 168 4.17 -23.93 -26.13
C GLY A 168 3.25 -24.75 -25.26
N PHE A 169 2.95 -24.34 -24.04
CA PHE A 169 2.03 -25.08 -23.18
C PHE A 169 0.59 -24.65 -23.45
N TYR A 170 -0.28 -25.63 -23.71
CA TYR A 170 -1.71 -25.38 -23.97
C TYR A 170 -2.49 -26.68 -23.85
N GLU A 171 -3.71 -26.62 -23.30
CA GLU A 171 -4.57 -27.79 -23.16
C GLU A 171 -6.01 -27.44 -23.47
N ASP A 172 -6.64 -28.22 -24.34
CA ASP A 172 -8.05 -28.00 -24.73
C ASP A 172 -8.97 -28.37 -23.57
N ILE A 173 -10.12 -27.70 -23.50
CA ILE A 173 -11.15 -27.99 -22.50
C ILE A 173 -12.44 -28.37 -23.25
N SER A 174 -12.98 -27.43 -24.03
CA SER A 174 -14.18 -27.67 -24.82
C SER A 174 -14.02 -27.05 -26.21
N LEU A 175 -14.98 -27.38 -27.08
CA LEU A 175 -15.10 -26.80 -28.42
C LEU A 175 -16.59 -26.61 -28.67
N PHE A 176 -17.02 -25.36 -28.85
CA PHE A 176 -18.41 -25.00 -29.03
C PHE A 176 -18.67 -24.56 -30.46
N ALA A 177 -19.91 -24.72 -30.89
CA ALA A 177 -20.35 -24.29 -32.21
C ALA A 177 -21.52 -23.37 -32.02
N LEU A 178 -21.37 -22.12 -32.46
CA LEU A 178 -22.41 -21.11 -32.28
C LEU A 178 -23.00 -20.67 -33.62
N PRO A 179 -24.35 -20.71 -33.77
CA PRO A 179 -24.97 -20.25 -35.03
C PRO A 179 -24.92 -18.71 -35.15
N VAL A 180 -24.18 -18.20 -36.13
CA VAL A 180 -23.88 -16.76 -36.22
C VAL A 180 -25.16 -15.93 -36.20
N LYS A 181 -25.13 -14.79 -35.53
CA LYS A 181 -26.31 -13.92 -35.43
C LYS A 181 -26.51 -13.11 -36.67
N GLU A 182 -25.40 -12.72 -37.29
CA GLU A 182 -25.38 -11.93 -38.52
C GLU A 182 -24.22 -12.42 -39.33
N GLU A 183 -24.37 -12.43 -40.65
CA GLU A 183 -23.35 -13.01 -41.52
C GLU A 183 -22.23 -12.00 -41.81
N ALA A 184 -22.50 -10.70 -41.67
CA ALA A 184 -21.46 -9.66 -41.88
C ALA A 184 -20.27 -9.81 -40.90
N ALA A 185 -19.09 -9.33 -41.32
CA ALA A 185 -17.86 -9.56 -40.59
C ALA A 185 -17.78 -8.73 -39.28
N ASP A 186 -16.96 -9.19 -38.34
CA ASP A 186 -16.83 -8.57 -36.99
C ASP A 186 -16.23 -7.16 -37.04
N VAL A 187 -15.29 -6.95 -37.96
CA VAL A 187 -14.59 -5.66 -38.15
C VAL A 187 -14.58 -5.35 -39.64
N MET A 188 -14.40 -4.08 -39.98
CA MET A 188 -14.27 -3.70 -41.39
C MET A 188 -13.17 -2.64 -41.52
N PRO A 189 -12.61 -2.45 -42.74
CA PRO A 189 -11.65 -1.36 -42.98
C PRO A 189 -12.22 0.06 -42.82
N ALA A 190 -11.42 0.98 -42.30
CA ALA A 190 -11.87 2.34 -42.00
C ALA A 190 -10.76 3.31 -42.29
N GLN A 191 -11.13 4.49 -42.80
CA GLN A 191 -10.19 5.61 -42.92
C GLN A 191 -10.29 6.44 -41.65
N ILE A 192 -9.13 6.64 -41.02
CA ILE A 192 -9.02 7.26 -39.71
C ILE A 192 -8.41 8.64 -39.88
N THR A 193 -9.08 9.66 -39.35
CA THR A 193 -8.58 11.05 -39.38
C THR A 193 -8.70 11.68 -37.98
N CYS A 194 -8.13 12.88 -37.77
CA CYS A 194 -8.34 13.57 -36.48
C CYS A 194 -8.51 15.08 -36.64
N ALA A 195 -8.99 15.74 -35.59
CA ALA A 195 -9.20 17.18 -35.61
C ALA A 195 -9.04 17.77 -34.21
N ASN A 196 -8.20 18.79 -34.10
CA ASN A 196 -8.09 19.58 -32.89
C ASN A 196 -9.32 20.49 -32.81
N ILE A 197 -9.93 20.62 -31.63
CA ILE A 197 -11.03 21.60 -31.44
C ILE A 197 -10.78 22.70 -30.39
N ALA A 198 -9.63 22.68 -29.72
CA ALA A 198 -9.32 23.60 -28.66
C ALA A 198 -8.87 24.92 -29.23
N THR A 199 -9.36 26.02 -28.64
CA THR A 199 -9.07 27.37 -29.11
C THR A 199 -8.35 28.23 -28.05
N GLY A 200 -7.68 29.28 -28.51
CA GLY A 200 -7.19 30.36 -27.64
C GLY A 200 -5.82 30.20 -26.96
N ASN A 201 -5.08 31.32 -26.93
CA ASN A 201 -3.91 31.50 -26.07
C ASN A 201 -2.71 30.64 -26.54
N HIS A 202 -1.76 30.39 -25.63
CA HIS A 202 -0.65 29.45 -25.84
C HIS A 202 -1.28 28.04 -25.90
N ILE A 203 -1.36 27.48 -27.10
CA ILE A 203 -1.61 26.07 -27.30
C ILE A 203 -0.43 25.57 -28.09
N ASP A 204 0.48 24.81 -27.45
CA ASP A 204 1.64 24.21 -28.13
C ASP A 204 1.10 23.38 -29.28
N ILE A 205 1.06 24.00 -30.46
CA ILE A 205 0.49 23.42 -31.68
C ILE A 205 0.99 22.00 -31.94
N LYS A 206 2.24 21.71 -31.58
CA LYS A 206 2.79 20.36 -31.77
C LYS A 206 2.25 19.32 -30.76
N LYS A 207 1.53 19.76 -29.74
CA LYS A 207 0.85 18.86 -28.79
C LYS A 207 -0.67 18.67 -29.04
N THR A 208 -1.20 19.29 -30.10
CA THR A 208 -2.58 19.06 -30.55
C THR A 208 -2.67 17.66 -31.17
N VAL A 209 -3.88 17.15 -31.39
CA VAL A 209 -4.01 15.73 -31.75
C VAL A 209 -3.19 15.34 -32.97
N ASN A 210 -2.58 14.15 -32.93
CA ASN A 210 -1.77 13.65 -34.05
C ASN A 210 -1.64 12.13 -34.04
N MET A 211 -1.42 11.55 -35.23
CA MET A 211 -1.20 10.10 -35.39
C MET A 211 0.16 9.87 -35.98
N ASP A 212 0.96 9.00 -35.38
CA ASP A 212 2.33 8.70 -35.88
C ASP A 212 2.26 7.62 -36.97
N ASP A 213 3.44 7.19 -37.45
CA ASP A 213 3.58 6.14 -38.48
C ASP A 213 2.93 4.82 -38.18
N ALA A 214 2.87 4.46 -36.91
CA ALA A 214 2.31 3.18 -36.49
C ALA A 214 0.82 3.27 -36.11
N GLY A 215 0.19 4.42 -36.27
CA GLY A 215 -1.23 4.58 -35.95
C GLY A 215 -1.55 5.09 -34.53
N VAL A 216 -0.52 5.31 -33.71
CA VAL A 216 -0.72 5.68 -32.29
C VAL A 216 -1.23 7.12 -32.25
N ILE A 217 -2.33 7.33 -31.54
CA ILE A 217 -2.98 8.63 -31.37
C ILE A 217 -2.52 9.30 -30.07
N ARG A 218 -2.02 10.53 -30.17
CA ARG A 218 -1.61 11.33 -29.00
C ARG A 218 -2.28 12.68 -29.03
N SER A 219 -2.61 13.20 -27.85
CA SER A 219 -3.13 14.57 -27.69
C SER A 219 -3.08 15.11 -26.26
N SER A 220 -2.77 16.41 -26.14
CA SER A 220 -2.88 17.10 -24.84
C SER A 220 -4.05 18.09 -24.81
N TYR A 221 -4.78 18.24 -25.94
CA TYR A 221 -5.91 19.17 -26.04
C TYR A 221 -7.18 18.54 -26.62
N PRO A 222 -8.36 19.10 -26.28
CA PRO A 222 -9.63 18.61 -26.80
C PRO A 222 -9.62 18.38 -28.32
N CYS A 223 -10.18 17.25 -28.74
CA CYS A 223 -10.07 16.80 -30.11
C CYS A 223 -11.17 15.76 -30.40
N TYR A 224 -11.34 15.40 -31.68
CA TYR A 224 -12.01 14.16 -32.06
C TYR A 224 -11.15 13.32 -33.01
N ILE A 225 -11.35 12.02 -32.95
CA ILE A 225 -10.81 11.05 -33.91
C ILE A 225 -12.02 10.45 -34.69
N GLN A 226 -11.94 10.48 -36.02
CA GLN A 226 -13.06 10.05 -36.89
C GLN A 226 -12.69 8.76 -37.67
N TYR A 227 -13.60 7.80 -37.64
CA TYR A 227 -13.53 6.53 -38.42
C TYR A 227 -14.60 6.53 -39.52
N GLU A 228 -14.16 6.52 -40.80
CA GLU A 228 -15.09 6.46 -41.96
C GLU A 228 -15.11 5.07 -42.64
N TYR A 229 -16.31 4.49 -42.76
CA TYR A 229 -16.54 3.22 -43.45
C TYR A 229 -17.16 3.44 -44.83
N GLU A 230 -16.79 2.55 -45.77
CA GLU A 230 -17.29 2.61 -47.17
C GLU A 230 -18.79 2.33 -47.19
N GLN A 231 -19.25 1.33 -46.47
CA GLN A 231 -20.67 1.04 -46.34
C GLN A 231 -21.02 1.21 -44.87
N PRO A 232 -22.31 1.42 -44.57
CA PRO A 232 -22.69 1.47 -43.15
C PRO A 232 -22.23 0.22 -42.34
N PHE A 233 -21.69 0.46 -41.16
CA PHE A 233 -21.17 -0.57 -40.26
C PHE A 233 -22.00 -0.55 -38.99
N THR A 234 -22.33 -1.75 -38.49
CA THR A 234 -23.00 -1.88 -37.19
C THR A 234 -22.00 -2.22 -36.07
N CYS A 235 -21.85 -1.32 -35.08
CA CYS A 235 -20.89 -1.47 -34.00
C CYS A 235 -21.64 -1.67 -32.69
N ARG A 236 -21.28 -2.72 -31.96
CA ARG A 236 -21.84 -3.00 -30.61
C ARG A 236 -20.86 -2.76 -29.44
N ASN A 237 -19.55 -2.68 -29.71
CA ASN A 237 -18.55 -2.39 -28.69
C ASN A 237 -17.21 -1.96 -29.31
N ILE A 238 -16.44 -1.22 -28.50
CA ILE A 238 -15.10 -0.71 -28.86
C ILE A 238 -14.07 -1.33 -27.91
N GLU A 239 -13.10 -2.02 -28.49
CA GLU A 239 -12.02 -2.61 -27.74
C GLU A 239 -10.86 -1.62 -27.79
N ILE A 240 -10.55 -1.06 -26.62
CA ILE A 240 -9.53 -0.03 -26.51
C ILE A 240 -8.24 -0.72 -26.17
N ILE A 241 -7.24 -0.53 -27.03
CA ILE A 241 -5.92 -1.18 -26.89
C ILE A 241 -4.84 -0.12 -26.65
N LEU A 242 -4.05 -0.33 -25.59
CA LEU A 242 -3.08 0.67 -25.13
C LEU A 242 -1.62 0.22 -25.11
N SER A 243 -0.74 1.21 -25.10
CA SER A 243 0.67 1.03 -24.79
C SER A 243 0.94 1.57 -23.38
N GLY A 244 0.92 0.69 -22.40
CA GLY A 244 1.03 1.09 -20.98
C GLY A 244 -0.34 1.41 -20.44
N ASN A 245 -0.43 2.42 -19.58
CA ASN A 245 -1.70 2.86 -18.98
C ASN A 245 -2.09 4.20 -19.56
N ASN A 246 -3.40 4.45 -19.65
CA ASN A 246 -3.95 5.73 -20.11
C ASN A 246 -5.42 5.85 -19.68
N TYR A 247 -5.62 6.53 -18.54
CA TYR A 247 -6.93 6.82 -17.99
C TYR A 247 -7.80 7.55 -18.99
N GLN A 248 -7.20 8.50 -19.71
CA GLN A 248 -7.99 9.39 -20.56
C GLN A 248 -8.65 8.64 -21.74
N ALA A 249 -8.01 7.56 -22.21
CA ALA A 249 -8.52 6.70 -23.27
C ALA A 249 -9.90 6.12 -22.99
N HIS A 250 -10.21 5.90 -21.72
CA HIS A 250 -11.50 5.34 -21.31
C HIS A 250 -12.57 6.40 -21.10
N ARG A 251 -12.28 7.68 -21.44
CA ARG A 251 -13.27 8.78 -21.30
C ARG A 251 -13.72 9.40 -22.61
N LEU A 252 -13.57 8.69 -23.73
CA LEU A 252 -14.06 9.20 -25.04
C LEU A 252 -15.61 9.31 -25.05
N LYS A 253 -16.12 10.28 -25.82
CA LYS A 253 -17.58 10.45 -26.06
C LYS A 253 -17.88 10.02 -27.49
N VAL A 254 -18.67 8.96 -27.62
CA VAL A 254 -18.92 8.32 -28.92
C VAL A 254 -20.12 8.96 -29.59
N MET A 255 -19.90 9.41 -30.83
CA MET A 255 -20.93 10.01 -31.70
C MET A 255 -20.91 9.32 -33.06
N ALA A 256 -22.03 9.37 -33.79
CA ALA A 256 -22.20 8.67 -35.08
C ALA A 256 -23.03 9.44 -36.09
N SER A 257 -22.76 9.24 -37.38
CA SER A 257 -23.49 9.98 -38.44
C SER A 257 -23.68 9.12 -39.66
N ASP A 258 -24.86 9.24 -40.29
CA ASP A 258 -25.11 8.61 -41.60
C ASP A 258 -24.73 9.51 -42.79
N ASP A 259 -24.84 10.83 -42.59
CA ASP A 259 -24.74 11.75 -43.71
C ASP A 259 -23.43 12.56 -43.72
N GLY A 260 -22.54 12.33 -42.74
CA GLY A 260 -21.25 13.01 -42.70
C GLY A 260 -21.27 14.44 -42.14
N VAL A 261 -22.42 14.90 -41.65
CA VAL A 261 -22.50 16.18 -40.94
C VAL A 261 -23.37 16.17 -39.67
N ASN A 262 -24.54 15.53 -39.71
CA ASN A 262 -25.39 15.44 -38.54
C ASN A 262 -25.00 14.24 -37.67
N TYR A 263 -24.51 14.49 -36.45
CA TYR A 263 -24.04 13.43 -35.54
C TYR A 263 -24.97 13.27 -34.37
N ARG A 264 -25.13 12.04 -33.89
CA ARG A 264 -25.97 11.74 -32.72
C ARG A 264 -25.11 11.14 -31.59
N LEU A 265 -25.45 11.46 -30.34
CA LEU A 265 -24.76 10.86 -29.19
C LEU A 265 -25.04 9.35 -29.11
N VAL A 266 -23.99 8.54 -29.04
CA VAL A 266 -24.10 7.10 -28.78
C VAL A 266 -23.92 6.82 -27.29
N LYS A 267 -22.74 7.18 -26.73
CA LYS A 267 -22.42 6.95 -25.32
C LYS A 267 -21.17 7.72 -24.85
N GLN A 268 -21.28 8.33 -23.66
CA GLN A 268 -20.07 8.77 -22.91
C GLN A 268 -19.44 7.57 -22.23
N LEU A 269 -18.21 7.21 -22.62
CA LEU A 269 -17.54 6.05 -21.98
C LEU A 269 -17.13 6.35 -20.53
N VAL A 270 -17.07 5.30 -19.72
CA VAL A 270 -16.84 5.39 -18.26
C VAL A 270 -15.66 4.49 -17.88
N PRO A 271 -14.61 5.06 -17.24
CA PRO A 271 -13.52 4.19 -16.82
C PRO A 271 -13.95 3.18 -15.74
N ALA A 272 -13.57 1.92 -15.93
CA ALA A 272 -13.65 0.90 -14.88
C ALA A 272 -12.61 1.20 -13.76
N ARG A 273 -12.97 0.86 -12.53
CA ARG A 273 -12.05 0.91 -11.42
C ARG A 273 -10.93 -0.07 -11.74
N GLN A 274 -9.71 0.34 -11.41
CA GLN A 274 -8.51 -0.42 -11.74
C GLN A 274 -7.32 -0.06 -10.84
N GLY A 275 -6.43 -1.05 -10.68
CA GLY A 275 -5.24 -0.96 -9.87
C GLY A 275 -4.00 -0.82 -10.72
N TRP A 276 -2.85 -0.74 -10.06
CA TRP A 276 -1.58 -0.40 -10.73
C TRP A 276 -1.07 -1.42 -11.73
N GLN A 277 -1.56 -2.66 -11.64
CA GLN A 277 -1.20 -3.73 -12.56
C GLN A 277 -2.36 -4.11 -13.53
N ASN A 278 -2.55 -3.26 -14.55
CA ASN A 278 -3.77 -3.30 -15.35
C ASN A 278 -3.55 -3.65 -16.82
N THR A 279 -2.31 -3.99 -17.19
CA THR A 279 -1.92 -4.09 -18.60
C THR A 279 -2.02 -5.47 -19.23
N ASP A 280 -2.34 -6.52 -18.47
CA ASP A 280 -2.48 -7.87 -19.03
C ASP A 280 -3.70 -8.04 -19.99
N GLU A 281 -4.63 -7.07 -20.04
CA GLU A 281 -5.82 -7.19 -20.88
C GLU A 281 -6.21 -5.81 -21.44
N ASN A 282 -6.76 -5.83 -22.64
CA ASN A 282 -7.41 -4.64 -23.21
C ASN A 282 -8.75 -4.38 -22.47
N SER A 283 -9.47 -3.34 -22.87
CA SER A 283 -10.78 -3.00 -22.27
C SER A 283 -11.89 -2.87 -23.33
N THR A 284 -12.99 -3.62 -23.16
CA THR A 284 -14.12 -3.58 -24.10
C THR A 284 -15.26 -2.74 -23.51
N HIS A 285 -15.61 -1.64 -24.16
CA HIS A 285 -16.69 -0.79 -23.74
C HIS A 285 -17.87 -1.05 -24.68
N ALA A 286 -18.95 -1.59 -24.16
CA ALA A 286 -20.18 -1.77 -24.94
C ALA A 286 -20.93 -0.44 -25.21
N ILE A 287 -21.64 -0.40 -26.33
CA ILE A 287 -22.54 0.69 -26.69
C ILE A 287 -23.90 0.10 -27.17
N PRO A 288 -24.96 0.92 -27.22
CA PRO A 288 -26.16 0.49 -27.96
C PRO A 288 -25.78 0.26 -29.44
N ALA A 289 -26.35 -0.78 -30.05
CA ALA A 289 -25.97 -1.17 -31.41
C ALA A 289 -26.25 -0.01 -32.34
N THR A 290 -25.25 0.37 -33.15
CA THR A 290 -25.30 1.63 -33.89
C THR A 290 -24.80 1.37 -35.28
N THR A 291 -25.64 1.67 -36.28
CA THR A 291 -25.30 1.47 -37.72
C THR A 291 -25.05 2.81 -38.36
N ALA A 292 -23.84 3.01 -38.86
CA ALA A 292 -23.41 4.31 -39.38
C ALA A 292 -22.18 4.18 -40.29
N ARG A 293 -21.96 5.19 -41.14
CA ARG A 293 -20.73 5.30 -41.93
C ARG A 293 -19.60 6.05 -41.23
N TYR A 294 -19.95 6.90 -40.27
CA TYR A 294 -18.99 7.75 -39.55
C TYR A 294 -19.13 7.55 -38.02
N PHE A 295 -18.00 7.31 -37.34
CA PHE A 295 -17.94 7.31 -35.89
C PHE A 295 -16.91 8.36 -35.45
N ARG A 296 -17.32 9.31 -34.60
CA ARG A 296 -16.36 10.25 -34.02
C ARG A 296 -16.23 9.94 -32.55
N PHE A 297 -14.99 9.94 -32.08
CA PHE A 297 -14.62 9.77 -30.67
C PHE A 297 -14.06 11.11 -30.15
N TYR A 298 -14.89 11.84 -29.41
CA TYR A 298 -14.54 13.15 -28.81
C TYR A 298 -13.82 12.98 -27.46
N TRP A 299 -12.79 13.77 -27.21
CA TRP A 299 -12.07 13.79 -25.92
C TRP A 299 -11.88 15.22 -25.38
N THR A 300 -11.99 15.34 -24.06
CA THR A 300 -11.49 16.50 -23.31
C THR A 300 -11.05 16.01 -21.94
N PRO A 301 -10.04 16.66 -21.33
CA PRO A 301 -9.66 16.27 -19.96
C PRO A 301 -10.62 16.78 -18.87
N GLU A 302 -11.53 17.72 -19.22
CA GLU A 302 -12.57 18.23 -18.28
C GLU A 302 -13.42 17.10 -17.72
N GLY A 303 -13.69 17.15 -16.41
CA GLY A 303 -14.46 16.11 -15.70
C GLY A 303 -13.61 14.90 -15.23
N SER A 304 -12.29 14.97 -15.36
CA SER A 304 -11.45 13.86 -14.87
C SER A 304 -11.53 13.68 -13.35
N GLU A 305 -11.45 12.43 -12.92
CA GLU A 305 -11.37 12.12 -11.48
C GLU A 305 -9.87 12.13 -11.10
N PRO A 306 -9.53 12.63 -9.90
CA PRO A 306 -8.13 12.53 -9.44
C PRO A 306 -7.71 11.11 -9.19
N GLY A 307 -6.39 10.87 -9.26
CA GLY A 307 -5.82 9.56 -8.97
C GLY A 307 -6.15 8.98 -7.59
N SER A 308 -6.19 7.65 -7.52
CA SER A 308 -6.30 6.86 -6.28
C SER A 308 -5.89 5.37 -6.53
N GLU A 309 -5.86 4.55 -5.48
CA GLU A 309 -5.51 3.13 -5.60
C GLU A 309 -6.48 2.29 -6.45
N ASP A 310 -7.74 2.74 -6.61
CA ASP A 310 -8.72 2.05 -7.49
C ASP A 310 -9.10 2.83 -8.78
N MET A 311 -8.31 3.85 -9.10
CA MET A 311 -8.14 4.36 -10.47
C MET A 311 -6.68 4.81 -10.65
N ASP A 312 -5.79 3.83 -10.76
CA ASP A 312 -4.36 4.08 -10.64
C ASP A 312 -3.83 4.93 -11.77
N ALA A 313 -4.34 4.75 -12.98
CA ALA A 313 -3.82 5.48 -14.14
C ALA A 313 -4.18 6.99 -14.10
N ALA A 314 -5.24 7.35 -13.36
CA ALA A 314 -5.61 8.76 -13.18
C ALA A 314 -4.61 9.60 -12.33
N LYS A 315 -3.62 8.93 -11.74
CA LYS A 315 -2.53 9.63 -11.10
C LYS A 315 -1.64 10.44 -12.07
N TRP A 316 -1.55 10.02 -13.34
CA TRP A 316 -0.53 10.52 -14.26
C TRP A 316 -1.12 11.64 -15.10
N LYS A 317 -0.26 12.34 -15.82
CA LYS A 317 -0.65 13.54 -16.56
C LYS A 317 -1.92 13.28 -17.41
N PRO A 318 -2.83 14.26 -17.49
CA PRO A 318 -4.09 14.01 -18.21
C PRO A 318 -3.97 14.19 -19.75
N ASN A 319 -3.12 13.36 -20.38
CA ASN A 319 -2.92 13.33 -21.82
C ASN A 319 -3.53 12.05 -22.36
N LEU A 320 -4.01 12.13 -23.58
CA LEU A 320 -4.64 11.05 -24.30
C LEU A 320 -3.60 10.25 -25.09
N LYS A 321 -3.66 8.94 -24.99
CA LYS A 321 -2.77 8.08 -25.79
C LYS A 321 -3.37 6.70 -26.05
N ILE A 322 -3.64 6.42 -27.33
CA ILE A 322 -4.28 5.17 -27.78
C ILE A 322 -3.41 4.49 -28.85
N LYS A 323 -3.10 3.22 -28.65
CA LYS A 323 -2.41 2.41 -29.68
C LYS A 323 -3.41 2.00 -30.78
N GLU A 324 -4.57 1.49 -30.40
CA GLU A 324 -5.60 1.14 -31.40
C GLU A 324 -7.01 1.12 -30.79
N LEU A 325 -7.99 1.57 -31.57
CA LEU A 325 -9.41 1.39 -31.23
C LEU A 325 -9.95 0.36 -32.21
N ARG A 326 -10.55 -0.69 -31.68
CA ARG A 326 -11.07 -1.78 -32.50
C ARG A 326 -12.60 -1.79 -32.36
N LEU A 327 -13.29 -1.38 -33.42
CA LEU A 327 -14.76 -1.31 -33.44
C LEU A 327 -15.41 -2.66 -33.88
N HIS A 328 -16.05 -3.36 -32.93
CA HIS A 328 -16.57 -4.73 -33.14
C HIS A 328 -18.07 -4.77 -33.38
N ARG A 329 -18.49 -5.68 -34.27
CA ARG A 329 -19.91 -5.97 -34.49
C ARG A 329 -20.50 -7.06 -33.55
N GLU A 330 -19.79 -8.14 -33.27
CA GLU A 330 -20.37 -9.24 -32.47
C GLU A 330 -20.59 -8.82 -31.01
N ALA A 331 -21.78 -9.14 -30.48
CA ALA A 331 -22.19 -8.73 -29.14
C ALA A 331 -21.21 -9.20 -28.06
N ARG A 332 -20.94 -8.34 -27.07
CA ARG A 332 -20.10 -8.67 -25.89
C ARG A 332 -20.56 -7.92 -24.66
N LEU A 333 -20.39 -8.53 -23.50
CA LEU A 333 -20.77 -7.85 -22.23
C LEU A 333 -19.83 -6.64 -22.00
N ASP A 334 -20.32 -5.60 -21.35
CA ASP A 334 -19.51 -4.43 -21.03
C ASP A 334 -18.39 -4.79 -20.02
N GLN A 335 -17.16 -4.37 -20.34
CA GLN A 335 -15.99 -4.53 -19.47
C GLN A 335 -15.84 -5.99 -19.03
N TRP A 336 -15.97 -6.92 -19.99
CA TRP A 336 -15.99 -8.38 -19.68
C TRP A 336 -14.64 -8.91 -19.20
N GLU A 337 -13.55 -8.32 -19.69
CA GLU A 337 -12.20 -8.73 -19.31
C GLU A 337 -12.06 -8.78 -17.79
N GLY A 338 -12.50 -7.73 -17.10
CA GLY A 338 -12.50 -7.70 -15.65
C GLY A 338 -13.53 -8.61 -15.00
N LYS A 339 -14.70 -8.74 -15.64
CA LYS A 339 -15.79 -9.54 -15.04
C LYS A 339 -15.51 -11.05 -15.05
N ALA A 340 -14.73 -11.51 -16.03
CA ALA A 340 -14.23 -12.89 -16.11
C ALA A 340 -13.01 -13.18 -15.22
N GLY A 341 -12.50 -12.16 -14.52
CA GLY A 341 -11.46 -12.33 -13.51
C GLY A 341 -10.03 -12.38 -14.01
N LEU A 342 -9.82 -12.00 -15.27
CA LEU A 342 -8.49 -11.95 -15.89
C LEU A 342 -7.56 -10.82 -15.34
N VAL A 343 -8.17 -9.82 -14.70
CA VAL A 343 -7.53 -8.60 -14.23
C VAL A 343 -8.44 -8.00 -13.15
N TRP A 344 -7.86 -7.30 -12.18
CA TRP A 344 -8.61 -6.67 -11.07
C TRP A 344 -9.30 -5.39 -11.56
N ARG A 345 -10.62 -5.45 -11.78
CA ARG A 345 -11.43 -4.29 -12.23
C ARG A 345 -12.86 -4.35 -11.64
N VAL A 346 -13.50 -3.18 -11.50
CA VAL A 346 -14.95 -3.10 -11.13
C VAL A 346 -15.63 -2.16 -12.12
N ALA A 347 -16.75 -2.64 -12.68
CA ALA A 347 -17.62 -1.87 -13.56
C ALA A 347 -19.11 -2.23 -13.34
N SER A 348 -19.98 -1.29 -13.67
CA SER A 348 -21.42 -1.48 -13.69
C SER A 348 -21.87 -2.67 -14.54
N SER A 349 -22.99 -3.27 -14.13
CA SER A 349 -23.64 -4.32 -14.94
C SER A 349 -24.08 -3.73 -16.28
N THR A 350 -24.11 -4.59 -17.29
CA THR A 350 -24.46 -4.21 -18.65
C THR A 350 -25.97 -3.90 -18.77
N LYS A 351 -26.28 -2.74 -19.35
CA LYS A 351 -27.67 -2.29 -19.54
C LYS A 351 -28.37 -3.09 -20.65
N LYS A 352 -29.68 -3.22 -20.53
CA LYS A 352 -30.51 -3.94 -21.50
C LYS A 352 -30.43 -3.31 -22.90
N GLU A 353 -30.36 -1.98 -22.94
CA GLU A 353 -30.10 -1.20 -24.18
C GLU A 353 -28.86 -1.67 -24.93
N GLU A 354 -27.86 -2.12 -24.18
CA GLU A 354 -26.60 -2.60 -24.74
C GLU A 354 -26.65 -4.09 -25.09
N ILE A 355 -27.21 -4.93 -24.22
CA ILE A 355 -27.30 -6.39 -24.48
C ILE A 355 -28.71 -6.87 -24.14
N GLY A 356 -29.52 -7.08 -25.17
CA GLY A 356 -30.91 -7.51 -25.01
C GLY A 356 -31.06 -8.99 -25.26
N GLU A 357 -32.30 -9.47 -25.27
CA GLU A 357 -32.60 -10.92 -25.45
C GLU A 357 -31.99 -11.45 -26.76
N GLN A 358 -32.21 -10.71 -27.84
CA GLN A 358 -31.69 -11.06 -29.16
C GLN A 358 -30.16 -11.05 -29.31
N ASP A 359 -29.44 -10.44 -28.35
CA ASP A 359 -27.96 -10.47 -28.36
C ASP A 359 -27.33 -11.65 -27.63
N CYS A 360 -28.14 -12.44 -26.93
CA CYS A 360 -27.64 -13.56 -26.12
C CYS A 360 -27.88 -14.91 -26.83
N TYR A 361 -27.17 -15.95 -26.39
CA TYR A 361 -27.37 -17.33 -26.85
C TYR A 361 -28.10 -18.15 -25.79
N ALA A 362 -29.09 -18.95 -26.22
CA ALA A 362 -29.69 -19.97 -25.33
C ALA A 362 -28.83 -21.24 -25.35
N LEU A 363 -28.93 -22.06 -24.29
CA LEU A 363 -28.19 -23.32 -24.23
C LEU A 363 -28.57 -24.32 -25.34
N SER A 364 -29.84 -24.30 -25.78
CA SER A 364 -30.32 -25.20 -26.86
C SER A 364 -29.77 -24.88 -28.25
N GLN A 365 -29.32 -23.65 -28.48
CA GLN A 365 -28.72 -23.26 -29.77
C GLN A 365 -27.28 -23.75 -29.95
N ILE A 366 -26.56 -23.96 -28.84
CA ILE A 366 -25.14 -24.28 -28.91
C ILE A 366 -24.90 -25.78 -29.06
N ILE A 367 -24.06 -26.16 -30.03
CA ILE A 367 -23.69 -27.55 -30.27
C ILE A 367 -22.29 -27.77 -29.74
N ASN A 368 -22.18 -28.61 -28.71
CA ASN A 368 -20.91 -29.01 -28.11
C ASN A 368 -20.23 -30.10 -28.96
N LEU A 369 -19.11 -29.76 -29.61
CA LEU A 369 -18.31 -30.70 -30.40
C LEU A 369 -17.03 -31.19 -29.70
N THR A 370 -17.03 -31.26 -28.37
CA THR A 370 -15.82 -31.65 -27.62
C THR A 370 -15.41 -33.13 -27.89
N ASP A 371 -16.39 -34.03 -27.85
CA ASP A 371 -16.14 -35.47 -28.03
C ASP A 371 -15.48 -35.80 -29.36
N PRO A 372 -16.05 -35.34 -30.50
CA PRO A 372 -15.33 -35.44 -31.78
C PRO A 372 -13.85 -34.94 -31.70
N PHE A 373 -12.96 -35.91 -31.45
CA PHE A 373 -11.54 -35.68 -31.08
C PHE A 373 -11.26 -34.30 -30.53
N GLU A 383 -2.05 -29.93 -32.59
CA GLU A 383 -2.08 -30.33 -34.01
C GLU A 383 -3.07 -31.51 -34.27
N ARG A 384 -4.32 -31.29 -33.85
CA ARG A 384 -5.44 -32.24 -33.94
C ARG A 384 -6.35 -31.78 -35.08
N THR A 385 -7.42 -32.53 -35.42
CA THR A 385 -8.45 -32.06 -36.39
C THR A 385 -9.88 -32.37 -35.98
N LEU A 386 -10.82 -31.71 -36.66
CA LEU A 386 -12.25 -31.85 -36.43
C LEU A 386 -12.96 -32.53 -37.60
N THR A 387 -13.83 -33.49 -37.29
CA THR A 387 -14.70 -34.10 -38.29
C THR A 387 -16.06 -34.32 -37.61
N ALA A 388 -17.11 -33.73 -38.15
CA ALA A 388 -18.50 -33.90 -37.67
C ALA A 388 -19.42 -33.20 -38.65
N THR A 389 -20.74 -33.24 -38.39
CA THR A 389 -21.70 -32.55 -39.26
C THR A 389 -22.67 -31.66 -38.48
N LEU A 390 -22.83 -30.43 -38.98
CA LEU A 390 -23.69 -29.42 -38.38
C LEU A 390 -24.92 -29.22 -39.24
N PRO A 391 -26.02 -28.69 -38.67
CA PRO A 391 -27.10 -28.20 -39.51
C PRO A 391 -26.62 -27.10 -40.48
N LYS A 392 -27.43 -26.76 -41.48
CA LYS A 392 -26.99 -25.82 -42.50
C LYS A 392 -27.12 -24.39 -42.02
N GLY A 393 -26.25 -23.53 -42.55
CA GLY A 393 -26.04 -22.18 -42.04
C GLY A 393 -24.57 -22.02 -41.67
N LYS A 394 -24.19 -20.80 -41.25
CA LYS A 394 -22.81 -20.50 -40.84
C LYS A 394 -22.65 -20.55 -39.31
N TRP A 395 -21.54 -21.14 -38.86
CA TRP A 395 -21.29 -21.40 -37.43
C TRP A 395 -19.92 -20.89 -37.02
N LYS A 396 -19.83 -20.31 -35.81
CA LYS A 396 -18.56 -19.93 -35.21
C LYS A 396 -18.02 -21.09 -34.39
N LEU A 397 -16.79 -21.51 -34.70
CA LEU A 397 -16.12 -22.57 -33.96
C LEU A 397 -15.24 -21.92 -32.88
N LEU A 398 -15.76 -21.99 -31.65
CA LEU A 398 -15.11 -21.41 -30.45
C LEU A 398 -14.41 -22.52 -29.70
N ARG A 399 -13.09 -22.61 -29.90
CA ARG A 399 -12.24 -23.59 -29.23
C ARG A 399 -11.63 -22.97 -27.97
N MET A 400 -12.04 -23.46 -26.80
CA MET A 400 -11.52 -22.99 -25.50
C MET A 400 -10.55 -23.95 -24.81
N GLY A 401 -9.56 -23.36 -24.12
CA GLY A 401 -8.54 -24.07 -23.35
C GLY A 401 -7.88 -23.18 -22.31
N HIS A 402 -6.73 -23.61 -21.79
CA HIS A 402 -6.03 -22.82 -20.77
C HIS A 402 -4.53 -22.86 -21.01
N THR A 403 -3.86 -21.80 -20.55
CA THR A 403 -2.39 -21.69 -20.56
C THR A 403 -1.91 -20.78 -19.38
N ALA A 404 -0.59 -20.70 -19.22
CA ALA A 404 0.05 -19.91 -18.17
C ALA A 404 -0.22 -18.40 -18.38
N THR A 405 -0.31 -17.63 -17.29
CA THR A 405 -0.46 -16.16 -17.40
C THR A 405 0.82 -15.44 -17.83
N GLY A 406 1.99 -16.07 -17.62
CA GLY A 406 3.29 -15.46 -17.93
C GLY A 406 3.95 -14.59 -16.84
N HIS A 407 3.59 -14.77 -15.57
CA HIS A 407 4.17 -13.95 -14.49
C HIS A 407 5.30 -14.67 -13.78
N THR A 408 6.29 -13.89 -13.37
CA THR A 408 7.48 -14.37 -12.67
C THR A 408 7.73 -13.53 -11.43
N ASN A 409 8.53 -14.05 -10.48
CA ASN A 409 9.06 -13.24 -9.36
C ASN A 409 10.20 -12.39 -9.91
N ALA A 410 9.76 -11.31 -10.57
CA ALA A 410 10.59 -10.48 -11.44
C ALA A 410 11.80 -9.84 -10.75
N THR A 411 11.68 -9.55 -9.45
CA THR A 411 12.80 -8.93 -8.71
C THR A 411 13.81 -9.93 -8.09
N ALA A 412 13.70 -11.22 -8.44
CA ALA A 412 14.63 -12.26 -7.96
C ALA A 412 15.94 -12.24 -8.74
N GLY A 413 16.95 -12.89 -8.19
CA GLY A 413 18.21 -13.14 -8.89
C GLY A 413 18.23 -14.63 -9.21
N GLY A 414 19.12 -15.38 -8.56
CA GLY A 414 19.22 -16.83 -8.76
C GLY A 414 17.94 -17.64 -8.57
N GLY A 415 16.98 -17.13 -7.79
CA GLY A 415 15.73 -17.84 -7.49
C GLY A 415 14.53 -17.45 -8.33
N LYS A 416 14.78 -16.92 -9.53
CA LYS A 416 13.72 -16.43 -10.40
C LYS A 416 13.09 -17.48 -11.30
N GLY A 417 11.78 -17.48 -11.39
CA GLY A 417 11.03 -18.25 -12.38
C GLY A 417 9.52 -18.05 -12.26
N LEU A 418 8.75 -18.99 -12.80
CA LEU A 418 7.31 -18.80 -12.90
C LEU A 418 6.64 -18.81 -11.52
N GLU A 419 5.63 -17.96 -11.39
CA GLU A 419 4.74 -17.93 -10.22
C GLU A 419 3.90 -19.23 -10.12
N CYS A 420 3.79 -19.79 -8.91
CA CYS A 420 2.97 -20.99 -8.70
C CYS A 420 1.48 -20.74 -8.91
N ASP A 421 0.79 -21.77 -9.42
CA ASP A 421 -0.67 -21.80 -9.51
C ASP A 421 -1.21 -21.67 -8.10
N LYS A 422 -2.00 -20.62 -7.90
CA LYS A 422 -2.49 -20.23 -6.58
C LYS A 422 -3.68 -21.07 -6.13
N PHE A 423 -4.30 -21.81 -7.04
CA PHE A 423 -5.44 -22.69 -6.78
C PHE A 423 -5.06 -24.19 -6.62
N ASN A 424 -3.78 -24.53 -6.81
CA ASN A 424 -3.25 -25.90 -6.83
C ASN A 424 -2.47 -26.19 -5.52
N PRO A 425 -3.04 -27.00 -4.60
CA PRO A 425 -2.33 -27.24 -3.32
C PRO A 425 -0.96 -27.93 -3.44
N LYS A 426 -0.75 -28.77 -4.45
CA LYS A 426 0.56 -29.43 -4.65
C LYS A 426 1.61 -28.44 -5.15
N ALA A 427 1.19 -27.52 -6.03
CA ALA A 427 2.08 -26.46 -6.51
C ALA A 427 2.49 -25.53 -5.36
N VAL A 428 1.53 -25.22 -4.47
CA VAL A 428 1.81 -24.28 -3.37
C VAL A 428 2.82 -24.91 -2.41
N ARG A 429 2.57 -26.19 -2.07
CA ARG A 429 3.50 -26.97 -1.24
C ARG A 429 4.88 -27.05 -1.85
N LYS A 430 4.92 -27.24 -3.16
CA LYS A 430 6.20 -27.34 -3.86
C LYS A 430 7.01 -26.01 -3.71
N GLN A 431 6.35 -24.86 -3.86
CA GLN A 431 7.01 -23.57 -3.65
C GLN A 431 7.63 -23.45 -2.25
N PHE A 432 6.85 -23.80 -1.22
CA PHE A 432 7.37 -23.85 0.15
C PHE A 432 8.64 -24.74 0.29
N ASP A 433 8.55 -25.97 -0.22
CA ASP A 433 9.65 -26.97 -0.07
C ASP A 433 10.96 -26.54 -0.71
N ASN A 434 10.88 -25.78 -1.80
CA ASN A 434 12.05 -25.47 -2.59
C ASN A 434 12.80 -24.22 -2.18
N TRP A 435 12.24 -23.36 -1.30
CA TRP A 435 12.92 -22.11 -0.85
C TRP A 435 12.94 -21.97 0.66
N PHE A 436 11.80 -21.66 1.27
CA PHE A 436 11.74 -21.43 2.74
C PHE A 436 12.19 -22.69 3.49
N ALA A 437 11.61 -23.84 3.16
CA ALA A 437 12.01 -25.13 3.82
C ALA A 437 13.50 -25.48 3.70
N GLN A 438 14.11 -25.14 2.56
CA GLN A 438 15.56 -25.36 2.38
C GLN A 438 16.47 -24.61 3.33
N ALA A 439 15.99 -23.50 3.92
CA ALA A 439 16.75 -22.75 4.92
C ALA A 439 16.97 -23.51 6.25
N PHE A 440 16.20 -24.59 6.48
CA PHE A 440 16.42 -25.49 7.63
C PHE A 440 17.28 -26.73 7.26
N VAL A 441 17.66 -26.85 5.98
CA VAL A 441 18.44 -28.00 5.46
C VAL A 441 19.84 -27.58 5.00
N LYS A 442 19.95 -26.59 4.11
CA LYS A 442 21.25 -26.18 3.57
C LYS A 442 22.11 -25.25 4.48
N THR A 443 21.67 -24.98 5.70
CA THR A 443 22.43 -24.16 6.65
C THR A 443 22.80 -25.07 7.81
N ASN A 444 22.81 -24.58 9.05
CA ASN A 444 22.95 -25.41 10.27
C ASN A 444 21.54 -25.68 10.83
N PRO A 445 21.03 -26.94 10.81
CA PRO A 445 19.61 -27.14 11.18
C PRO A 445 19.19 -26.76 12.62
N ASP A 446 20.03 -27.03 13.60
CA ASP A 446 19.72 -26.70 15.01
C ASP A 446 19.62 -25.17 15.25
N VAL A 447 20.54 -24.41 14.66
CA VAL A 447 20.53 -22.93 14.74
C VAL A 447 19.31 -22.36 13.95
N ALA A 448 19.09 -22.82 12.71
CA ALA A 448 17.89 -22.44 11.96
C ALA A 448 16.59 -22.56 12.80
N ARG A 449 16.47 -23.64 13.57
CA ARG A 449 15.29 -23.87 14.41
C ARG A 449 15.14 -22.97 15.62
N ARG A 450 16.24 -22.37 16.09
CA ARG A 450 16.18 -21.37 17.17
C ARG A 450 15.88 -19.93 16.68
N VAL A 451 16.43 -19.54 15.52
CA VAL A 451 16.39 -18.14 15.06
C VAL A 451 15.39 -17.82 13.94
N LEU A 452 15.12 -18.76 13.03
CA LEU A 452 14.23 -18.51 11.90
C LEU A 452 12.83 -18.92 12.32
N LYS A 453 12.11 -17.95 12.91
CA LYS A 453 10.79 -18.16 13.53
C LYS A 453 9.64 -17.46 12.81
N TYR A 454 9.93 -16.76 11.71
CA TYR A 454 8.91 -15.99 10.96
C TYR A 454 8.96 -16.32 9.46
N MET A 455 7.78 -16.63 8.87
CA MET A 455 7.59 -16.86 7.44
C MET A 455 6.69 -15.71 6.88
N HIS A 456 7.20 -14.97 5.91
CA HIS A 456 6.50 -13.76 5.40
C HIS A 456 6.01 -13.97 3.94
N VAL A 457 4.81 -13.45 3.63
CA VAL A 457 4.35 -13.26 2.24
C VAL A 457 4.05 -11.77 2.06
N ASP A 458 4.57 -11.15 0.99
CA ASP A 458 4.55 -9.68 0.86
C ASP A 458 3.30 -9.31 0.04
N SER A 459 3.28 -8.09 -0.53
CA SER A 459 2.11 -7.62 -1.27
C SER A 459 2.12 -8.17 -2.71
N TRP A 460 0.95 -8.60 -3.17
CA TRP A 460 0.81 -9.36 -4.43
C TRP A 460 1.14 -8.50 -5.67
N GLN A 461 1.97 -9.06 -6.55
CA GLN A 461 2.43 -8.40 -7.79
C GLN A 461 2.41 -9.37 -8.99
N CYS A 462 1.51 -10.33 -9.01
CA CYS A 462 1.53 -11.39 -10.06
C CYS A 462 0.24 -11.47 -10.89
N GLY A 463 -0.48 -10.34 -11.01
CA GLY A 463 -1.72 -10.29 -11.79
C GLY A 463 -2.82 -11.13 -11.18
N SER A 464 -3.78 -11.54 -12.00
CA SER A 464 -4.89 -12.38 -11.57
C SER A 464 -4.84 -13.70 -12.31
N GLN A 465 -5.70 -14.63 -11.94
CA GLN A 465 -5.89 -15.89 -12.67
C GLN A 465 -7.34 -16.34 -12.51
N ASN A 466 -7.90 -16.97 -13.54
CA ASN A 466 -9.30 -17.40 -13.53
C ASN A 466 -9.52 -18.92 -13.80
N TRP A 467 -8.47 -19.72 -13.76
CA TRP A 467 -8.62 -21.17 -13.97
C TRP A 467 -7.52 -22.00 -13.27
N SER A 468 -7.85 -23.28 -13.12
CA SER A 468 -6.95 -24.37 -12.71
C SER A 468 -7.67 -25.70 -13.02
N ASP A 469 -6.93 -26.82 -13.03
CA ASP A 469 -7.54 -28.18 -13.27
C ASP A 469 -8.67 -28.55 -12.29
N THR A 470 -8.70 -27.91 -11.13
CA THR A 470 -9.70 -28.18 -10.11
C THR A 470 -10.84 -27.17 -10.05
N PHE A 471 -10.82 -26.14 -10.91
CA PHE A 471 -11.70 -24.99 -10.75
C PHE A 471 -13.16 -25.34 -10.99
N ALA A 472 -13.43 -26.13 -12.03
CA ALA A 472 -14.83 -26.58 -12.32
C ALA A 472 -15.47 -27.27 -11.11
N ALA A 473 -14.74 -28.22 -10.52
CA ALA A 473 -15.22 -28.97 -9.34
C ALA A 473 -15.36 -28.10 -8.08
N GLU A 474 -14.38 -27.22 -7.84
CA GLU A 474 -14.48 -26.24 -6.75
C GLU A 474 -15.68 -25.32 -6.95
N PHE A 475 -15.87 -24.87 -8.19
CA PHE A 475 -17.03 -24.03 -8.52
C PHE A 475 -18.32 -24.81 -8.18
N ARG A 476 -18.34 -26.10 -8.54
CA ARG A 476 -19.50 -26.93 -8.34
C ARG A 476 -19.89 -27.07 -6.88
N LYS A 477 -18.93 -27.45 -6.04
CA LYS A 477 -19.25 -27.63 -4.60
C LYS A 477 -19.75 -26.34 -3.99
N ARG A 478 -19.01 -25.25 -4.22
CA ARG A 478 -19.24 -23.99 -3.50
C ARG A 478 -20.42 -23.22 -4.01
N ARG A 479 -20.69 -23.21 -5.32
CA ARG A 479 -21.78 -22.40 -5.88
C ARG A 479 -23.07 -23.18 -6.13
N GLY A 480 -22.98 -24.49 -6.31
CA GLY A 480 -24.17 -25.34 -6.42
C GLY A 480 -24.67 -25.66 -7.83
N TYR A 481 -23.87 -25.36 -8.86
CA TYR A 481 -24.24 -25.66 -10.24
C TYR A 481 -23.00 -25.73 -11.11
N ASP A 482 -23.19 -26.25 -12.33
CA ASP A 482 -22.11 -26.55 -13.27
C ASP A 482 -21.79 -25.31 -14.11
N LEU A 483 -20.51 -24.95 -14.13
CA LEU A 483 -19.99 -23.82 -14.92
C LEU A 483 -19.77 -24.20 -16.38
N MET A 484 -19.46 -25.47 -16.66
CA MET A 484 -18.95 -25.90 -17.98
C MET A 484 -19.77 -25.54 -19.24
N PRO A 485 -21.11 -25.65 -19.20
CA PRO A 485 -21.95 -25.22 -20.35
C PRO A 485 -21.95 -23.70 -20.59
N TYR A 486 -21.55 -22.94 -19.57
CA TYR A 486 -21.46 -21.48 -19.63
C TYR A 486 -20.07 -20.94 -19.90
N LEU A 487 -19.11 -21.81 -20.26
CA LEU A 487 -17.71 -21.37 -20.41
C LEU A 487 -17.47 -20.21 -21.44
N PRO A 488 -18.38 -20.06 -22.44
CA PRO A 488 -18.17 -18.85 -23.28
C PRO A 488 -18.43 -17.47 -22.64
N LEU A 489 -19.06 -17.42 -21.47
CA LEU A 489 -19.06 -16.22 -20.64
C LEU A 489 -17.65 -15.64 -20.35
N LEU A 490 -16.62 -16.49 -20.31
CA LEU A 490 -15.25 -16.08 -20.00
C LEU A 490 -14.49 -15.48 -21.21
N ALA A 491 -15.11 -15.49 -22.40
CA ALA A 491 -14.71 -14.62 -23.51
C ALA A 491 -15.69 -13.44 -23.72
N GLY A 492 -16.59 -13.22 -22.75
CA GLY A 492 -17.56 -12.11 -22.80
C GLY A 492 -18.77 -12.32 -23.72
N ILE A 493 -18.94 -13.55 -24.21
CA ILE A 493 -20.08 -13.91 -25.06
C ILE A 493 -21.34 -14.12 -24.21
N PRO A 494 -22.34 -13.22 -24.31
CA PRO A 494 -23.51 -13.35 -23.44
C PRO A 494 -24.48 -14.51 -23.74
N MET A 495 -25.07 -15.02 -22.65
CA MET A 495 -26.02 -16.16 -22.69
C MET A 495 -27.27 -15.93 -21.85
N GLU A 496 -28.42 -16.26 -22.45
CA GLU A 496 -29.75 -16.22 -21.81
C GLU A 496 -30.23 -14.78 -21.55
N SER A 497 -29.55 -14.06 -20.65
CA SER A 497 -29.77 -12.63 -20.48
C SER A 497 -28.46 -12.00 -20.00
N ALA A 498 -28.39 -10.67 -20.09
CA ALA A 498 -27.30 -9.90 -19.50
C ALA A 498 -27.21 -10.13 -17.98
N GLU A 499 -28.37 -10.05 -17.33
CA GLU A 499 -28.49 -10.24 -15.89
C GLU A 499 -27.99 -11.62 -15.47
N ARG A 500 -28.42 -12.64 -16.22
CA ARG A 500 -28.04 -14.02 -15.98
C ARG A 500 -26.55 -14.27 -16.24
N SER A 501 -26.04 -13.74 -17.35
CA SER A 501 -24.59 -13.81 -17.63
C SER A 501 -23.72 -13.21 -16.52
N GLU A 502 -24.16 -12.10 -15.92
CA GLU A 502 -23.34 -11.33 -14.96
C GLU A 502 -23.47 -11.88 -13.54
N LYS A 503 -24.62 -12.49 -13.24
CA LYS A 503 -24.80 -13.27 -12.01
C LYS A 503 -23.80 -14.43 -11.95
N ILE A 504 -23.68 -15.20 -13.03
CA ILE A 504 -22.69 -16.29 -13.11
C ILE A 504 -21.24 -15.79 -13.13
N LEU A 505 -20.93 -14.71 -13.84
CA LEU A 505 -19.55 -14.21 -13.83
C LEU A 505 -19.14 -13.73 -12.42
N ARG A 506 -20.08 -13.21 -11.63
CA ARG A 506 -19.80 -12.82 -10.24
C ARG A 506 -19.48 -14.06 -9.39
N ASP A 507 -20.22 -15.14 -9.64
CA ASP A 507 -19.92 -16.45 -9.04
C ASP A 507 -18.54 -16.97 -9.41
N VAL A 508 -18.09 -16.77 -10.65
CA VAL A 508 -16.71 -17.12 -11.03
C VAL A 508 -15.71 -16.32 -10.14
N ARG A 509 -15.95 -15.01 -10.01
CA ARG A 509 -15.07 -14.11 -9.24
C ARG A 509 -15.07 -14.48 -7.77
N THR A 510 -16.26 -14.74 -7.23
CA THR A 510 -16.38 -15.14 -5.82
C THR A 510 -15.52 -16.39 -5.55
N THR A 511 -15.60 -17.33 -6.47
CA THR A 511 -14.88 -18.61 -6.35
C THR A 511 -13.35 -18.37 -6.39
N ILE A 512 -12.89 -17.52 -7.30
CA ILE A 512 -11.48 -17.12 -7.38
C ILE A 512 -10.94 -16.66 -5.99
N GLY A 513 -11.65 -15.72 -5.37
CA GLY A 513 -11.22 -15.18 -4.08
C GLY A 513 -11.25 -16.20 -2.95
N GLU A 514 -12.30 -17.03 -2.94
CA GLU A 514 -12.40 -18.15 -1.99
C GLU A 514 -11.22 -19.12 -2.14
N LEU A 515 -10.77 -19.37 -3.35
CA LEU A 515 -9.63 -20.30 -3.53
C LEU A 515 -8.24 -19.74 -3.14
N VAL A 516 -8.06 -18.42 -3.25
CA VAL A 516 -6.85 -17.77 -2.73
C VAL A 516 -6.67 -18.09 -1.24
N VAL A 517 -7.76 -18.05 -0.52
CA VAL A 517 -7.78 -18.25 0.95
C VAL A 517 -7.74 -19.74 1.34
N ASP A 518 -8.60 -20.56 0.72
CA ASP A 518 -8.73 -22.00 1.10
C ASP A 518 -7.66 -22.89 0.54
N VAL A 519 -6.93 -22.42 -0.49
CA VAL A 519 -5.78 -23.15 -1.00
C VAL A 519 -4.44 -22.46 -0.62
N PHE A 520 -4.08 -21.36 -1.29
CA PHE A 520 -2.75 -20.74 -1.11
C PHE A 520 -2.45 -20.37 0.36
N TYR A 521 -3.35 -19.62 1.01
CA TYR A 521 -3.10 -19.20 2.41
C TYR A 521 -3.23 -20.38 3.41
N GLN A 522 -4.21 -21.24 3.16
CA GLN A 522 -4.48 -22.41 4.04
C GLN A 522 -3.28 -23.35 4.02
N VAL A 523 -2.79 -23.69 2.83
CA VAL A 523 -1.60 -24.57 2.68
C VAL A 523 -0.36 -23.94 3.35
N LEU A 524 -0.11 -22.67 3.06
CA LEU A 524 1.02 -21.95 3.72
C LEU A 524 0.89 -21.85 5.24
N ALA A 525 -0.34 -21.74 5.75
CA ALA A 525 -0.54 -21.70 7.19
C ALA A 525 -0.21 -23.06 7.84
N ASP A 526 -0.62 -24.16 7.21
CA ASP A 526 -0.24 -25.53 7.62
C ASP A 526 1.29 -25.71 7.60
N CYS A 527 1.97 -25.25 6.53
CA CYS A 527 3.43 -25.34 6.45
C CYS A 527 4.15 -24.58 7.56
N ALA A 528 3.69 -23.35 7.85
CA ALA A 528 4.32 -22.53 8.89
C ALA A 528 4.18 -23.17 10.29
N LYS A 529 2.99 -23.63 10.61
CA LYS A 529 2.76 -24.37 11.86
C LYS A 529 3.63 -25.64 11.92
N GLU A 530 3.81 -26.35 10.81
CA GLU A 530 4.69 -27.52 10.77
C GLU A 530 6.16 -27.18 11.06
N TYR A 531 6.62 -25.98 10.71
CA TYR A 531 8.00 -25.53 11.00
C TYR A 531 8.13 -24.57 12.19
N ASP A 532 7.07 -24.45 12.99
CA ASP A 532 7.08 -23.66 14.21
C ASP A 532 7.40 -22.18 13.96
N CYS A 533 6.74 -21.66 12.93
CA CYS A 533 6.91 -20.28 12.50
C CYS A 533 5.60 -19.53 12.61
N GLN A 534 5.72 -18.26 12.94
CA GLN A 534 4.62 -17.30 12.79
C GLN A 534 4.51 -16.86 11.35
N PHE A 535 3.28 -16.56 10.92
CA PHE A 535 2.92 -16.22 9.52
C PHE A 535 2.49 -14.75 9.44
N SER A 536 3.33 -13.92 8.81
CA SER A 536 2.94 -12.56 8.42
C SER A 536 2.59 -12.48 6.93
N ALA A 537 1.66 -11.57 6.60
CA ALA A 537 1.20 -11.37 5.23
C ALA A 537 0.71 -9.91 5.00
N GLU A 538 1.02 -9.35 3.81
CA GLU A 538 0.49 -8.06 3.34
C GLU A 538 -0.69 -8.31 2.33
N CYS A 539 -1.07 -7.30 1.53
CA CYS A 539 -2.31 -7.33 0.78
C CYS A 539 -2.32 -8.17 -0.51
N VAL A 540 -3.52 -8.59 -0.89
CA VAL A 540 -3.81 -9.30 -2.13
C VAL A 540 -4.43 -8.31 -3.15
N ALA A 541 -5.40 -7.50 -2.69
CA ALA A 541 -5.83 -6.28 -3.45
C ALA A 541 -4.65 -5.30 -3.72
N PRO A 542 -4.63 -4.53 -4.81
CA PRO A 542 -5.63 -4.46 -5.89
C PRO A 542 -5.14 -5.10 -7.21
N THR A 543 -4.49 -6.24 -7.10
CA THR A 543 -3.87 -6.88 -8.28
C THR A 543 -4.46 -8.25 -8.63
N MET A 544 -4.83 -9.02 -7.59
CA MET A 544 -5.46 -10.33 -7.69
C MET A 544 -6.92 -10.25 -7.24
N VAL A 545 -7.82 -10.79 -8.06
CA VAL A 545 -9.25 -10.82 -7.76
C VAL A 545 -9.44 -11.53 -6.42
N SER A 546 -10.16 -10.87 -5.52
CA SER A 546 -10.19 -11.26 -4.08
C SER A 546 -11.25 -10.48 -3.31
N ASP A 547 -11.60 -10.99 -2.13
CA ASP A 547 -12.12 -10.16 -1.07
C ASP A 547 -10.86 -9.78 -0.29
N GLY A 548 -10.45 -8.50 -0.39
CA GLY A 548 -9.15 -8.06 0.18
C GLY A 548 -8.94 -8.25 1.69
N LEU A 549 -10.02 -8.50 2.45
CA LEU A 549 -9.90 -8.77 3.89
C LEU A 549 -9.79 -10.27 4.23
N LEU A 550 -10.34 -11.11 3.38
CA LEU A 550 -10.63 -12.53 3.69
C LEU A 550 -9.42 -13.37 4.10
N HIS A 551 -8.27 -13.12 3.47
CA HIS A 551 -7.10 -13.93 3.78
C HIS A 551 -6.51 -13.71 5.17
N TYR A 552 -6.84 -12.59 5.81
CA TYR A 552 -6.23 -12.26 7.08
C TYR A 552 -6.65 -13.20 8.23
N GLN A 553 -7.75 -13.96 8.04
CA GLN A 553 -8.14 -15.02 9.01
C GLN A 553 -7.11 -16.20 9.13
N LYS A 554 -6.35 -16.49 8.08
CA LYS A 554 -5.43 -17.63 8.07
C LYS A 554 -4.02 -17.31 8.58
N VAL A 555 -3.76 -16.05 8.96
CA VAL A 555 -2.39 -15.61 9.26
C VAL A 555 -2.33 -15.10 10.71
N ASP A 556 -1.12 -15.21 11.30
CA ASP A 556 -0.88 -14.72 12.66
C ASP A 556 -0.75 -13.18 12.70
N LEU A 557 -0.07 -12.59 11.70
CA LEU A 557 0.38 -11.20 11.75
C LEU A 557 -0.02 -10.40 10.49
N PRO A 558 -1.26 -9.86 10.45
CA PRO A 558 -1.60 -8.96 9.35
C PRO A 558 -0.63 -7.79 9.23
N MET A 559 -0.31 -7.39 8.00
CA MET A 559 0.69 -6.36 7.77
C MET A 559 0.27 -5.37 6.66
N GLY A 560 0.29 -4.07 6.99
CA GLY A 560 0.03 -3.01 6.02
C GLY A 560 1.30 -2.31 5.56
N GLU A 561 1.14 -1.22 4.82
CA GLU A 561 2.20 -0.47 4.16
C GLU A 561 1.89 1.04 4.25
N PHE A 562 2.86 1.85 4.64
CA PHE A 562 2.78 3.30 4.52
C PHE A 562 4.10 3.91 4.02
N TRP A 563 3.96 4.88 3.10
CA TRP A 563 5.08 5.43 2.36
C TRP A 563 5.36 6.89 2.81
N LEU A 564 6.64 7.25 2.71
CA LEU A 564 7.17 8.58 3.01
C LEU A 564 7.34 9.36 1.69
N ASN A 565 6.71 10.54 1.60
CA ASN A 565 6.90 11.48 0.53
C ASN A 565 6.63 10.90 -0.85
N SER A 566 5.67 10.00 -0.96
CA SER A 566 5.46 9.27 -2.21
C SER A 566 3.95 9.10 -2.53
N PRO A 567 3.26 10.21 -2.79
CA PRO A 567 1.82 10.08 -3.00
C PRO A 567 1.37 9.13 -4.11
N THR A 568 2.15 8.97 -5.18
CA THR A 568 1.78 8.07 -6.28
C THR A 568 1.89 6.59 -5.95
N HIS A 569 2.67 6.28 -4.91
CA HIS A 569 2.92 4.90 -4.50
C HIS A 569 2.40 4.50 -3.12
N ASP A 570 1.96 5.47 -2.33
CA ASP A 570 1.37 5.18 -1.01
C ASP A 570 0.12 4.30 -1.17
N LYS A 571 -0.16 3.51 -0.14
CA LYS A 571 -1.26 2.56 -0.16
C LYS A 571 -2.10 2.63 1.14
N PRO A 572 -2.83 3.75 1.32
CA PRO A 572 -3.66 3.85 2.50
C PRO A 572 -4.79 2.81 2.58
N ASN A 573 -5.34 2.41 1.43
CA ASN A 573 -6.34 1.34 1.36
C ASN A 573 -5.77 -0.03 1.81
N ASP A 574 -4.50 -0.32 1.48
CA ASP A 574 -3.78 -1.50 2.02
C ASP A 574 -3.67 -1.49 3.56
N MET A 575 -3.33 -0.33 4.10
CA MET A 575 -3.25 -0.09 5.54
C MET A 575 -4.59 -0.41 6.19
N LEU A 576 -5.70 0.07 5.61
CA LEU A 576 -7.06 -0.22 6.14
C LEU A 576 -7.51 -1.67 5.99
N ASP A 577 -7.04 -2.37 4.94
CA ASP A 577 -7.30 -3.82 4.76
C ASP A 577 -6.69 -4.64 5.89
N ALA A 578 -5.41 -4.37 6.18
CA ALA A 578 -4.68 -5.10 7.22
C ALA A 578 -5.23 -4.83 8.62
N ILE A 579 -5.50 -3.57 8.95
CA ILE A 579 -6.04 -3.21 10.27
C ILE A 579 -7.49 -3.73 10.40
N SER A 580 -8.33 -3.48 9.40
CA SER A 580 -9.70 -4.07 9.43
C SER A 580 -9.66 -5.61 9.58
N GLY A 581 -8.81 -6.28 8.79
CA GLY A 581 -8.69 -7.76 8.86
C GLY A 581 -8.31 -8.27 10.24
N ALA A 582 -7.27 -7.66 10.80
CA ALA A 582 -6.83 -7.98 12.16
C ALA A 582 -7.94 -7.80 13.23
N HIS A 583 -8.65 -6.66 13.16
CA HIS A 583 -9.67 -6.32 14.14
C HIS A 583 -10.87 -7.31 14.10
N ILE A 584 -11.36 -7.65 12.91
CA ILE A 584 -12.50 -8.55 12.76
C ILE A 584 -12.18 -10.04 12.95
N TYR A 585 -10.93 -10.45 12.70
CA TYR A 585 -10.51 -11.84 12.86
C TYR A 585 -9.69 -12.08 14.16
N GLY A 586 -9.63 -11.07 15.04
CA GLY A 586 -9.02 -11.14 16.39
C GLY A 586 -7.51 -11.28 16.47
N LYS A 587 -6.78 -10.62 15.58
CA LYS A 587 -5.29 -10.71 15.57
C LYS A 587 -4.73 -9.47 16.28
N ASN A 588 -4.11 -9.66 17.43
CA ASN A 588 -3.78 -8.54 18.32
C ASN A 588 -2.61 -7.70 17.81
N ILE A 589 -1.61 -8.33 17.19
CA ILE A 589 -0.42 -7.60 16.70
C ILE A 589 -0.60 -7.32 15.23
N ILE A 590 -0.50 -6.03 14.87
CA ILE A 590 -0.68 -5.53 13.52
C ILE A 590 0.63 -4.88 13.06
N GLN A 591 1.29 -5.53 12.09
CA GLN A 591 2.60 -5.09 11.60
C GLN A 591 2.43 -4.07 10.47
N ALA A 592 3.44 -3.23 10.22
CA ALA A 592 3.39 -2.31 9.04
C ALA A 592 4.78 -2.06 8.43
N GLU A 593 4.84 -2.14 7.10
CA GLU A 593 6.03 -1.79 6.34
C GLU A 593 5.99 -0.28 6.23
N GLY A 594 6.92 0.39 6.92
CA GLY A 594 6.89 1.85 7.05
C GLY A 594 8.07 2.59 6.49
N PHE A 595 7.77 3.78 5.94
CA PHE A 595 8.73 4.76 5.47
C PHE A 595 9.26 4.50 4.07
N THR A 596 8.61 3.58 3.33
CA THR A 596 9.02 3.25 1.96
C THR A 596 8.96 4.55 1.15
N GLU A 597 10.03 4.87 0.43
CA GLU A 597 10.21 6.20 -0.14
C GLU A 597 10.66 6.10 -1.61
N VAL A 598 9.80 6.47 -2.56
CA VAL A 598 10.06 6.11 -3.97
C VAL A 598 11.33 6.78 -4.50
N ARG A 599 11.65 7.99 -4.02
CA ARG A 599 12.96 8.62 -4.30
C ARG A 599 13.52 9.30 -3.06
N GLY A 600 14.49 8.64 -2.42
CA GLY A 600 15.20 9.23 -1.29
C GLY A 600 16.26 10.22 -1.76
N THR A 601 16.33 11.35 -1.05
CA THR A 601 17.26 12.46 -1.37
C THR A 601 18.27 12.86 -0.22
N TRP A 602 18.39 12.03 0.82
CA TRP A 602 19.48 12.12 1.86
C TRP A 602 19.39 13.30 2.85
N ASN A 603 18.18 13.85 3.01
CA ASN A 603 17.82 14.86 4.00
C ASN A 603 16.84 14.32 5.06
N GLU A 604 16.58 13.02 5.05
CA GLU A 604 15.65 12.38 5.98
C GLU A 604 16.38 12.07 7.30
N HIS A 605 15.73 12.36 8.44
CA HIS A 605 16.23 12.04 9.80
C HIS A 605 14.99 11.81 10.72
N PRO A 606 15.16 11.25 11.95
CA PRO A 606 13.97 10.87 12.73
C PRO A 606 12.96 11.98 13.08
N GLY A 607 13.43 13.22 13.31
CA GLY A 607 12.54 14.38 13.53
C GLY A 607 11.41 14.56 12.50
N ILE A 608 11.70 14.23 11.25
CA ILE A 608 10.71 14.41 10.19
C ILE A 608 9.97 13.11 9.81
N LEU A 609 10.19 12.05 10.58
CA LEU A 609 9.46 10.79 10.44
C LEU A 609 8.38 10.59 11.51
N LYS A 610 8.43 11.37 12.60
CA LYS A 610 7.56 11.14 13.76
C LYS A 610 6.08 11.34 13.47
N ALA A 611 5.67 12.48 12.89
CA ALA A 611 4.23 12.74 12.65
C ALA A 611 3.66 11.65 11.73
N LEU A 612 4.45 11.25 10.72
CA LEU A 612 4.05 10.17 9.82
C LEU A 612 3.81 8.89 10.59
N LEU A 613 4.79 8.47 11.39
CA LEU A 613 4.59 7.26 12.17
C LEU A 613 3.32 7.38 13.06
N ASP A 614 3.16 8.50 13.77
CA ASP A 614 2.08 8.63 14.78
C ASP A 614 0.65 8.53 14.20
N ARG A 615 0.44 9.06 13.00
CA ARG A 615 -0.89 8.95 12.39
C ARG A 615 -1.22 7.52 11.94
N ASN A 616 -0.18 6.69 11.69
CA ASN A 616 -0.37 5.27 11.41
C ASN A 616 -0.58 4.43 12.71
N TYR A 617 0.06 4.83 13.81
CA TYR A 617 -0.34 4.32 15.13
C TYR A 617 -1.82 4.67 15.44
N ALA A 618 -2.28 5.88 15.12
CA ALA A 618 -3.71 6.25 15.31
C ALA A 618 -4.66 5.35 14.48
N LEU A 619 -4.26 4.97 13.27
CA LEU A 619 -5.10 4.07 12.45
C LEU A 619 -5.20 2.70 13.08
N GLY A 620 -4.13 2.30 13.77
CA GLY A 620 -4.15 1.07 14.59
C GLY A 620 -3.03 0.04 14.41
N ILE A 621 -1.90 0.38 13.80
CA ILE A 621 -0.75 -0.55 13.74
C ILE A 621 -0.09 -0.51 15.12
N ASN A 622 0.61 -1.57 15.47
CA ASN A 622 1.37 -1.61 16.73
C ASN A 622 2.73 -2.35 16.68
N ARG A 623 3.16 -2.79 15.49
CA ARG A 623 4.55 -3.24 15.27
C ARG A 623 5.16 -2.77 13.93
N LEU A 624 6.04 -1.80 14.04
CA LEU A 624 6.70 -1.21 12.88
C LEU A 624 7.86 -2.09 12.35
N PHE A 625 7.89 -2.26 11.03
CA PHE A 625 9.01 -2.78 10.23
C PHE A 625 9.50 -1.63 9.35
N PHE A 626 10.72 -1.14 9.63
CA PHE A 626 11.41 -0.17 8.79
C PHE A 626 11.66 -0.69 7.36
N HIS A 627 11.26 0.09 6.37
CA HIS A 627 11.71 -0.09 4.98
C HIS A 627 12.67 1.06 4.65
N VAL A 628 13.98 0.82 4.49
CA VAL A 628 14.62 -0.50 4.43
C VAL A 628 16.08 -0.41 4.89
N TYR A 629 16.56 -1.49 5.51
CA TYR A 629 17.96 -1.67 5.86
C TYR A 629 18.63 -2.45 4.69
N VAL A 630 19.48 -1.79 3.91
CA VAL A 630 20.21 -2.48 2.84
C VAL A 630 21.61 -2.83 3.32
N HIS A 631 22.03 -4.06 3.02
CA HIS A 631 23.36 -4.58 3.28
C HIS A 631 24.45 -3.85 2.42
N ASN A 632 25.40 -3.19 3.10
CA ASN A 632 26.53 -2.56 2.44
C ASN A 632 27.74 -3.48 2.66
N PRO A 633 28.18 -4.15 1.59
CA PRO A 633 29.24 -5.14 1.76
C PRO A 633 30.64 -4.54 1.95
N TRP A 634 30.83 -3.27 1.59
CA TRP A 634 32.13 -2.60 1.72
C TRP A 634 32.19 -1.76 2.99
N LEU A 635 33.24 -1.96 3.77
CA LEU A 635 33.54 -1.14 4.96
C LEU A 635 34.15 0.23 4.71
N ASP A 636 34.51 0.56 3.47
CA ASP A 636 35.18 1.84 3.15
C ASP A 636 34.43 2.70 2.10
N ARG A 637 33.14 2.40 1.90
CA ARG A 637 32.25 3.18 1.07
C ARG A 637 31.03 3.58 1.92
N LYS A 638 30.77 4.88 2.00
CA LYS A 638 29.65 5.42 2.78
C LYS A 638 28.93 6.49 1.95
N PRO A 639 27.59 6.59 1.93
CA PRO A 639 26.65 5.73 2.71
C PRO A 639 26.45 4.30 2.16
N GLY A 640 26.94 4.03 0.93
CA GLY A 640 27.04 2.66 0.44
C GLY A 640 25.88 2.16 -0.42
N MET A 641 25.70 0.84 -0.44
CA MET A 641 24.69 0.19 -1.25
C MET A 641 23.27 0.54 -0.77
N THR A 642 22.39 0.83 -1.73
CA THR A 642 20.97 1.09 -1.51
C THR A 642 20.18 0.33 -2.54
N LEU A 643 18.86 0.34 -2.38
CA LEU A 643 17.90 -0.22 -3.34
C LEU A 643 17.64 0.77 -4.47
N ASP A 644 18.66 0.98 -5.29
CA ASP A 644 18.67 2.01 -6.34
C ASP A 644 18.04 3.37 -5.93
N GLY A 645 18.39 3.85 -4.73
CA GLY A 645 17.91 5.14 -4.26
C GLY A 645 16.49 5.20 -3.73
N ILE A 646 15.83 4.03 -3.57
CA ILE A 646 14.52 3.93 -2.94
C ILE A 646 14.76 3.85 -1.41
N GLY A 647 14.20 4.80 -0.66
CA GLY A 647 14.36 4.88 0.81
C GLY A 647 13.31 4.11 1.58
N LEU A 648 13.19 4.36 2.91
CA LEU A 648 14.11 5.16 3.75
C LEU A 648 15.51 4.50 3.86
N PHE A 649 16.55 5.32 3.78
CA PHE A 649 17.94 4.87 3.97
C PHE A 649 18.25 4.65 5.47
N PHE A 650 17.85 3.48 5.96
CA PHE A 650 17.88 3.15 7.40
C PHE A 650 18.92 2.05 7.64
N GLN A 651 20.19 2.44 7.82
CA GLN A 651 21.33 1.49 7.89
C GLN A 651 22.58 2.11 8.55
N ARG A 652 23.54 1.25 8.87
CA ARG A 652 24.67 1.62 9.77
C ARG A 652 25.50 2.82 9.32
N ASP A 653 25.62 3.05 8.02
CA ASP A 653 26.40 4.18 7.50
C ASP A 653 25.63 5.49 7.37
N GLN A 654 24.35 5.51 7.76
CA GLN A 654 23.66 6.80 7.97
C GLN A 654 24.43 7.61 9.01
N THR A 655 24.45 8.92 8.82
CA THR A 655 25.10 9.83 9.76
C THR A 655 24.54 9.67 11.16
N TRP A 656 23.22 9.62 11.28
CA TRP A 656 22.54 9.55 12.60
C TRP A 656 22.23 8.13 13.13
N TRP A 657 22.82 7.08 12.55
CA TRP A 657 22.54 5.72 13.01
C TRP A 657 22.83 5.51 14.53
N ASN A 658 24.08 5.75 14.92
CA ASN A 658 24.54 5.32 16.24
C ASN A 658 23.68 5.87 17.39
N LYS A 659 23.40 7.18 17.39
CA LYS A 659 22.57 7.79 18.44
C LYS A 659 21.10 8.05 18.04
N GLY A 660 20.88 8.39 16.77
CA GLY A 660 19.56 8.76 16.27
C GLY A 660 18.63 7.56 16.08
N ALA A 661 19.13 6.50 15.45
CA ALA A 661 18.32 5.30 15.25
C ALA A 661 17.93 4.68 16.60
N LYS A 662 18.90 4.68 17.53
CA LYS A 662 18.67 4.18 18.87
C LYS A 662 17.55 4.90 19.62
N ALA A 663 17.64 6.23 19.73
CA ALA A 663 16.63 7.04 20.45
C ALA A 663 15.25 6.94 19.83
N PHE A 664 15.19 6.91 18.49
CA PHE A 664 13.92 6.71 17.79
C PHE A 664 13.29 5.37 18.18
N CYS A 665 14.10 4.30 18.15
CA CYS A 665 13.65 2.95 18.46
C CYS A 665 13.20 2.81 19.93
N GLU A 666 13.79 3.60 20.85
CA GLU A 666 13.32 3.66 22.25
C GLU A 666 11.91 4.28 22.39
N TYR A 667 11.67 5.40 21.74
CA TYR A 667 10.31 5.97 21.58
C TYR A 667 9.33 4.95 20.99
N ILE A 668 9.75 4.30 19.91
CA ILE A 668 8.92 3.30 19.26
C ILE A 668 8.57 2.12 20.22
N THR A 669 9.55 1.61 20.94
CA THR A 669 9.30 0.49 21.83
C THR A 669 8.35 0.87 22.98
N ARG A 670 8.48 2.08 23.55
CA ARG A 670 7.53 2.56 24.59
C ARG A 670 6.13 2.68 24.06
N CYS A 671 5.97 3.30 22.88
CA CYS A 671 4.67 3.40 22.25
C CYS A 671 4.07 2.06 22.04
N GLN A 672 4.85 1.12 21.48
CA GLN A 672 4.31 -0.20 21.08
C GLN A 672 3.97 -1.09 22.28
N SER A 673 4.60 -0.86 23.42
CA SER A 673 4.23 -1.58 24.67
C SER A 673 2.80 -1.27 25.08
N LEU A 674 2.39 0.00 24.99
CA LEU A 674 1.03 0.33 25.34
C LEU A 674 0.04 -0.01 24.23
N LEU A 675 0.49 0.15 22.97
CA LEU A 675 -0.39 -0.06 21.85
C LEU A 675 -0.66 -1.54 21.47
N GLN A 676 0.06 -2.48 22.08
CA GLN A 676 -0.27 -3.94 22.05
C GLN A 676 -1.04 -4.39 23.31
N TYR A 677 -1.31 -3.48 24.23
CA TYR A 677 -2.03 -3.82 25.47
C TYR A 677 -3.54 -3.89 25.23
N GLY A 678 -4.20 -4.92 25.79
CA GLY A 678 -5.67 -4.98 25.77
C GLY A 678 -6.22 -5.11 24.36
N HIS A 679 -7.40 -4.50 24.13
CA HIS A 679 -8.09 -4.54 22.83
C HIS A 679 -8.37 -3.12 22.30
N PRO A 680 -8.38 -2.96 20.96
CA PRO A 680 -8.63 -1.63 20.39
C PRO A 680 -10.14 -1.34 20.44
N VAL A 681 -10.52 -0.07 20.62
CA VAL A 681 -11.93 0.37 20.66
C VAL A 681 -12.35 0.98 19.33
N ALA A 682 -13.47 0.52 18.77
CA ALA A 682 -14.08 1.09 17.59
C ALA A 682 -15.60 0.92 17.63
N ASP A 683 -16.32 2.04 17.63
CA ASP A 683 -17.80 2.01 17.79
C ASP A 683 -18.57 1.67 16.51
N ILE A 684 -17.96 1.84 15.34
CA ILE A 684 -18.65 1.69 14.03
C ILE A 684 -18.04 0.59 13.14
N ALA A 685 -18.90 -0.25 12.56
CA ALA A 685 -18.55 -1.21 11.53
C ALA A 685 -19.22 -0.86 10.21
N VAL A 686 -18.48 -0.90 9.12
CA VAL A 686 -19.01 -0.55 7.80
C VAL A 686 -18.92 -1.75 6.90
N PHE A 687 -20.06 -2.16 6.33
CA PHE A 687 -20.14 -3.42 5.55
C PHE A 687 -19.57 -3.23 4.15
N THR A 688 -18.76 -4.20 3.66
CA THR A 688 -18.04 -4.08 2.38
C THR A 688 -18.76 -4.66 1.15
N GLY A 689 -19.93 -5.27 1.36
CA GLY A 689 -20.87 -5.56 0.28
C GLY A 689 -20.72 -6.92 -0.38
N GLU A 690 -21.35 -7.10 -1.54
CA GLU A 690 -21.37 -8.39 -2.24
C GLU A 690 -20.84 -8.36 -3.67
N GLU A 691 -20.15 -7.27 -4.04
CA GLU A 691 -19.47 -7.22 -5.33
C GLU A 691 -18.13 -7.93 -5.23
N MET A 692 -17.61 -8.37 -6.37
CA MET A 692 -16.24 -8.86 -6.48
C MET A 692 -15.50 -8.19 -7.65
N PRO A 693 -14.24 -7.78 -7.46
CA PRO A 693 -13.52 -7.82 -6.19
C PRO A 693 -14.02 -6.79 -5.19
N ARG A 694 -13.58 -6.93 -3.93
CA ARG A 694 -13.95 -5.98 -2.85
C ARG A 694 -12.82 -5.88 -1.84
N ARG A 695 -12.85 -4.82 -1.04
CA ARG A 695 -11.83 -4.59 0.01
C ARG A 695 -12.35 -3.58 1.02
N SER A 696 -11.51 -3.16 1.97
CA SER A 696 -11.89 -2.12 2.90
C SER A 696 -12.26 -0.78 2.18
N ILE A 697 -13.01 0.07 2.89
CA ILE A 697 -13.53 1.34 2.39
C ILE A 697 -12.77 2.54 2.98
N LEU A 698 -12.20 3.38 2.08
CA LEU A 698 -11.47 4.59 2.43
C LEU A 698 -12.44 5.62 3.03
N PRO A 699 -12.01 6.40 4.02
CA PRO A 699 -12.95 7.36 4.62
C PRO A 699 -13.60 8.31 3.62
N GLU A 700 -12.86 8.75 2.59
CA GLU A 700 -13.40 9.68 1.60
C GLU A 700 -14.68 9.13 0.92
N ARG A 701 -14.69 7.83 0.65
CA ARG A 701 -15.82 7.20 -0.05
C ARG A 701 -17.08 7.05 0.81
N LEU A 702 -16.96 7.27 2.13
CA LEU A 702 -18.12 7.29 3.03
C LEU A 702 -18.76 8.65 3.26
N VAL A 703 -18.16 9.72 2.75
CA VAL A 703 -18.66 11.05 3.00
C VAL A 703 -20.13 11.21 2.51
N PRO A 704 -20.48 10.67 1.31
CA PRO A 704 -21.91 10.74 0.90
C PRO A 704 -22.90 9.98 1.78
N SER A 705 -22.47 8.88 2.40
CA SER A 705 -23.29 8.18 3.39
C SER A 705 -23.49 8.85 4.76
N LEU A 706 -22.46 9.54 5.26
CA LEU A 706 -22.42 10.08 6.62
C LEU A 706 -21.99 11.56 6.69
N PRO A 707 -22.62 12.41 5.85
CA PRO A 707 -22.20 13.81 5.74
C PRO A 707 -22.24 14.57 7.05
N GLY A 708 -23.24 14.30 7.88
CA GLY A 708 -23.27 14.88 9.21
C GLY A 708 -22.08 14.50 10.07
N ILE A 709 -21.61 13.25 9.98
CA ILE A 709 -20.52 12.79 10.88
C ILE A 709 -19.18 13.46 10.52
N PHE A 710 -18.93 13.52 9.22
CA PHE A 710 -17.75 14.18 8.66
C PHE A 710 -17.76 15.71 8.84
N GLY A 711 -18.94 16.32 8.89
CA GLY A 711 -19.12 17.79 9.03
C GLY A 711 -19.22 18.52 7.69
N ALA A 712 -19.76 19.75 7.71
CA ALA A 712 -20.01 20.49 6.47
C ALA A 712 -18.72 20.94 5.77
N GLU A 713 -17.72 21.32 6.55
CA GLU A 713 -16.44 21.76 6.00
C GLU A 713 -15.76 20.66 5.18
N ARG A 714 -15.80 19.41 5.67
CA ARG A 714 -15.34 18.23 4.89
C ARG A 714 -16.18 17.97 3.62
N VAL A 715 -17.50 18.11 3.73
CA VAL A 715 -18.39 17.96 2.56
C VAL A 715 -17.99 18.96 1.47
N GLU A 716 -17.82 20.21 1.86
CA GLU A 716 -17.45 21.26 0.90
C GLU A 716 -16.04 21.07 0.30
N SER A 717 -15.04 20.79 1.13
CA SER A 717 -13.68 20.56 0.60
C SER A 717 -13.64 19.34 -0.38
N GLU A 718 -14.45 18.31 -0.11
CA GLU A 718 -14.60 17.18 -1.06
C GLU A 718 -15.27 17.56 -2.38
N ARG A 719 -16.33 18.37 -2.35
CA ARG A 719 -16.93 18.86 -3.62
C ARG A 719 -15.87 19.50 -4.52
N ILE A 720 -15.08 20.38 -3.93
CA ILE A 720 -14.03 21.11 -4.65
C ILE A 720 -12.92 20.16 -5.17
N ARG A 721 -12.43 19.26 -4.33
CA ARG A 721 -11.39 18.29 -4.78
C ARG A 721 -11.83 17.39 -5.96
N LEU A 722 -13.01 16.79 -5.83
CA LEU A 722 -13.55 15.92 -6.89
C LEU A 722 -13.97 16.67 -8.16
N ALA A 723 -14.37 17.93 -8.04
CA ALA A 723 -14.54 18.78 -9.23
C ALA A 723 -13.25 18.90 -10.04
N ASN A 724 -12.12 19.04 -9.33
CA ASN A 724 -10.79 18.87 -9.95
C ASN A 724 -10.62 19.83 -11.12
N GLU A 725 -10.97 21.11 -10.90
CA GLU A 725 -11.01 22.09 -11.98
C GLU A 725 -9.60 22.38 -12.47
N GLY A 726 -9.42 22.26 -13.78
CA GLY A 726 -8.13 22.45 -14.40
C GLY A 726 -7.18 21.27 -14.30
N GLN A 727 -7.61 20.15 -13.73
CA GLN A 727 -6.73 18.97 -13.57
C GLN A 727 -5.27 19.31 -13.14
N PRO A 728 -5.10 20.09 -12.05
CA PRO A 728 -3.77 20.60 -11.62
C PRO A 728 -2.74 19.50 -11.31
N LEU A 729 -1.46 19.80 -11.56
CA LEU A 729 -0.34 18.89 -11.37
C LEU A 729 0.52 19.30 -10.18
N ARG A 730 1.09 18.32 -9.48
CA ARG A 730 2.09 18.54 -8.42
C ARG A 730 3.31 17.65 -8.72
N VAL A 731 4.50 18.09 -8.27
CA VAL A 731 5.73 17.31 -8.42
C VAL A 731 6.16 16.88 -7.02
N ARG A 732 6.09 15.59 -6.73
CA ARG A 732 6.49 15.08 -5.40
C ARG A 732 6.63 13.56 -5.48
N PRO A 733 7.80 12.99 -5.21
CA PRO A 733 9.06 13.71 -4.94
C PRO A 733 9.64 14.30 -6.25
N VAL A 734 10.87 14.81 -6.15
CA VAL A 734 11.64 15.30 -7.31
C VAL A 734 11.52 14.36 -8.50
N GLY A 735 10.95 14.89 -9.58
CA GLY A 735 10.84 14.15 -10.83
C GLY A 735 9.60 13.29 -11.04
N VAL A 736 8.60 13.41 -10.17
CA VAL A 736 7.38 12.57 -10.26
C VAL A 736 6.20 13.52 -10.33
N THR A 737 5.69 13.72 -11.54
CA THR A 737 4.58 14.61 -11.82
C THR A 737 3.25 13.83 -11.76
N HIS A 738 2.28 14.36 -11.01
CA HIS A 738 1.04 13.65 -10.73
C HIS A 738 -0.18 14.57 -10.46
N SER A 739 -1.35 13.94 -10.31
CA SER A 739 -2.60 14.65 -10.04
C SER A 739 -2.54 15.32 -8.64
N ALA A 740 -2.59 16.65 -8.60
CA ALA A 740 -2.54 17.43 -7.33
C ALA A 740 -3.73 17.19 -6.37
N ASN A 741 -4.90 16.81 -6.91
CA ASN A 741 -6.13 16.61 -6.09
C ASN A 741 -6.30 15.18 -5.57
N MET A 742 -5.29 14.35 -5.74
CA MET A 742 -5.36 13.01 -5.15
C MET A 742 -5.41 13.14 -3.63
N SER A 743 -6.17 12.24 -2.99
CA SER A 743 -6.28 12.25 -1.53
C SER A 743 -4.90 12.13 -0.91
N ASP A 744 -4.73 12.91 0.15
CA ASP A 744 -3.52 12.94 0.88
C ASP A 744 -3.84 12.43 2.30
N PRO A 745 -3.31 11.24 2.70
CA PRO A 745 -3.65 10.69 4.02
C PRO A 745 -3.33 11.59 5.22
N GLU A 746 -2.34 12.48 5.06
CA GLU A 746 -2.05 13.50 6.08
C GLU A 746 -3.24 14.45 6.33
N LYS A 747 -4.09 14.67 5.32
CA LYS A 747 -5.34 15.48 5.46
C LYS A 747 -6.61 14.68 5.87
N TRP A 748 -6.46 13.41 6.25
CA TRP A 748 -7.57 12.55 6.72
C TRP A 748 -7.37 12.02 8.15
N VAL A 749 -6.79 12.87 9.00
CA VAL A 749 -6.63 12.56 10.44
C VAL A 749 -7.98 12.75 11.16
N ASN A 750 -8.37 11.80 12.00
CA ASN A 750 -9.64 11.89 12.77
C ASN A 750 -10.84 12.36 11.93
N PRO A 751 -11.07 11.69 10.81
CA PRO A 751 -12.04 12.17 9.86
C PRO A 751 -13.51 12.08 10.30
N LEU A 752 -13.83 11.22 11.27
CA LEU A 752 -15.20 11.11 11.80
C LEU A 752 -15.39 11.97 13.09
N ARG A 753 -14.37 12.75 13.44
CA ARG A 753 -14.46 13.74 14.54
C ARG A 753 -14.84 13.08 15.87
N GLY A 754 -14.14 11.99 16.20
CA GLY A 754 -14.18 11.37 17.54
C GLY A 754 -14.73 9.95 17.68
N TYR A 755 -15.00 9.31 16.53
CA TYR A 755 -15.33 7.89 16.43
C TYR A 755 -14.29 7.20 15.56
N ALA A 756 -14.12 5.89 15.76
CA ALA A 756 -13.29 5.07 14.87
C ALA A 756 -14.14 3.99 14.24
N TYR A 757 -13.73 3.52 13.06
CA TYR A 757 -14.43 2.47 12.33
C TYR A 757 -13.53 1.39 11.80
N ASP A 758 -14.09 0.21 11.56
CA ASP A 758 -13.47 -0.84 10.77
C ASP A 758 -14.36 -1.14 9.60
N SER A 759 -13.76 -1.60 8.50
CA SER A 759 -14.52 -2.28 7.46
C SER A 759 -14.68 -3.76 7.85
N PHE A 760 -15.72 -4.39 7.30
CA PHE A 760 -16.33 -5.58 7.88
C PHE A 760 -16.99 -6.39 6.74
N ASN A 761 -16.61 -7.67 6.55
CA ASN A 761 -17.08 -8.44 5.39
C ASN A 761 -18.22 -9.45 5.68
N LYS A 762 -18.75 -10.03 4.61
CA LYS A 762 -19.81 -11.03 4.67
C LYS A 762 -19.39 -12.25 5.49
N ASP A 763 -18.13 -12.65 5.38
CA ASP A 763 -17.63 -13.81 6.11
C ASP A 763 -17.74 -13.54 7.61
N ALA A 764 -17.21 -12.42 8.09
CA ALA A 764 -17.34 -12.11 9.52
C ALA A 764 -18.82 -11.95 9.98
N LEU A 765 -19.64 -11.28 9.19
CA LEU A 765 -21.08 -11.16 9.49
C LEU A 765 -21.76 -12.54 9.67
N LEU A 766 -21.61 -13.40 8.66
CA LEU A 766 -22.27 -14.70 8.67
C LEU A 766 -21.65 -15.73 9.64
N ARG A 767 -20.32 -15.74 9.79
CA ARG A 767 -19.62 -16.78 10.55
C ARG A 767 -19.28 -16.38 12.00
N LEU A 768 -19.03 -15.10 12.29
CA LEU A 768 -18.49 -14.72 13.61
C LEU A 768 -19.37 -13.79 14.45
N ALA A 769 -20.22 -13.00 13.82
CA ALA A 769 -20.88 -11.91 14.55
C ALA A 769 -21.98 -12.43 15.47
N LYS A 770 -22.10 -11.80 16.63
CA LYS A 770 -23.09 -12.14 17.64
C LYS A 770 -23.56 -10.87 18.38
N ALA A 771 -24.84 -10.82 18.73
CA ALA A 771 -25.40 -9.73 19.54
C ALA A 771 -25.16 -10.00 21.03
N GLU A 772 -24.61 -9.01 21.74
CA GLU A 772 -24.45 -9.02 23.21
C GLU A 772 -24.61 -7.61 23.73
N ASN A 773 -25.60 -7.40 24.60
CA ASN A 773 -25.82 -6.08 25.24
C ASN A 773 -26.03 -4.91 24.24
N GLY A 774 -26.77 -5.15 23.17
CA GLY A 774 -27.01 -4.15 22.15
C GLY A 774 -25.84 -3.84 21.21
N ARG A 775 -24.76 -4.62 21.26
CA ARG A 775 -23.56 -4.41 20.44
C ARG A 775 -23.23 -5.67 19.63
N MET A 776 -22.69 -5.49 18.42
CA MET A 776 -22.23 -6.60 17.58
C MET A 776 -20.79 -6.95 17.97
N THR A 777 -20.58 -8.18 18.47
CA THR A 777 -19.27 -8.63 18.96
C THR A 777 -18.65 -9.66 18.07
N LEU A 778 -17.33 -9.70 18.10
CA LEU A 778 -16.58 -10.74 17.37
C LEU A 778 -15.55 -11.29 18.32
N PRO A 779 -15.17 -12.59 18.16
CA PRO A 779 -14.04 -13.13 18.95
C PRO A 779 -12.74 -12.35 18.78
N GLY A 780 -12.03 -12.19 19.91
CA GLY A 780 -10.81 -11.40 19.99
C GLY A 780 -10.97 -9.96 20.47
N GLY A 781 -12.19 -9.50 20.73
CA GLY A 781 -12.43 -8.20 21.41
C GLY A 781 -13.15 -7.06 20.67
N ALA A 782 -13.48 -7.23 19.39
CA ALA A 782 -14.18 -6.17 18.67
C ALA A 782 -15.64 -6.09 19.16
N SER A 783 -16.20 -4.88 19.25
CA SER A 783 -17.55 -4.68 19.76
C SER A 783 -18.04 -3.35 19.27
N TYR A 784 -19.00 -3.37 18.35
CA TYR A 784 -19.45 -2.18 17.65
C TYR A 784 -20.92 -1.88 18.01
N LYS A 785 -21.28 -0.60 18.15
CA LYS A 785 -22.69 -0.21 18.39
C LYS A 785 -23.42 0.10 17.07
N VAL A 786 -22.69 0.60 16.06
CA VAL A 786 -23.24 0.94 14.76
C VAL A 786 -22.78 0.02 13.61
N LEU A 787 -23.71 -0.33 12.72
CA LEU A 787 -23.43 -1.10 11.50
C LEU A 787 -23.97 -0.33 10.30
N VAL A 788 -23.06 0.18 9.45
CA VAL A 788 -23.41 0.98 8.27
C VAL A 788 -23.42 0.08 7.02
N LEU A 789 -24.50 0.17 6.23
CA LEU A 789 -24.64 -0.44 4.91
C LEU A 789 -24.55 0.74 3.92
N PRO A 790 -23.35 0.99 3.34
CA PRO A 790 -23.19 2.27 2.65
C PRO A 790 -24.02 2.39 1.38
N LEU A 791 -24.31 3.61 0.95
CA LEU A 791 -24.89 3.84 -0.38
C LEU A 791 -24.09 3.16 -1.53
N PRO A 792 -24.72 2.99 -2.73
CA PRO A 792 -23.92 2.59 -3.91
C PRO A 792 -22.69 3.51 -4.00
N ARG A 793 -21.56 2.95 -4.43
CA ARG A 793 -20.26 3.65 -4.43
C ARG A 793 -19.39 3.19 -5.62
N PRO A 794 -18.27 3.92 -5.91
CA PRO A 794 -17.44 3.58 -7.07
C PRO A 794 -17.01 2.10 -7.14
N MET A 795 -16.65 1.47 -6.02
CA MET A 795 -16.31 0.04 -6.00
C MET A 795 -17.53 -0.92 -5.91
N ASN A 796 -18.73 -0.38 -5.72
CA ASN A 796 -19.98 -1.17 -5.67
C ASN A 796 -21.15 -0.34 -6.24
N PRO A 797 -21.14 -0.11 -7.56
CA PRO A 797 -22.02 0.88 -8.17
C PRO A 797 -23.44 0.42 -8.46
N ASP A 798 -23.66 -0.90 -8.63
CA ASP A 798 -24.98 -1.46 -8.99
C ASP A 798 -26.10 -1.05 -8.05
N PRO A 799 -26.01 -1.29 -6.74
CA PRO A 799 -25.02 -2.11 -6.04
C PRO A 799 -25.41 -3.58 -6.05
N ALA A 800 -24.45 -4.45 -5.74
CA ALA A 800 -24.71 -5.90 -5.74
C ALA A 800 -25.81 -6.18 -4.72
N ALA A 801 -26.83 -6.94 -5.13
CA ALA A 801 -27.95 -7.27 -4.22
C ALA A 801 -27.43 -8.07 -2.98
N LEU A 802 -28.05 -7.80 -1.84
CA LEU A 802 -27.76 -8.51 -0.60
C LEU A 802 -28.41 -9.89 -0.69
N SER A 803 -27.65 -10.92 -0.35
CA SER A 803 -28.15 -12.28 -0.29
C SER A 803 -29.17 -12.44 0.87
N PRO A 804 -30.13 -13.39 0.75
CA PRO A 804 -31.12 -13.62 1.83
C PRO A 804 -30.49 -13.85 3.21
N GLU A 805 -29.34 -14.55 3.24
CA GLU A 805 -28.63 -14.86 4.52
C GLU A 805 -28.10 -13.57 5.16
N VAL A 806 -27.59 -12.66 4.33
CA VAL A 806 -27.13 -11.37 4.83
C VAL A 806 -28.32 -10.54 5.30
N LYS A 807 -29.41 -10.51 4.52
CA LYS A 807 -30.63 -9.80 4.96
C LYS A 807 -31.16 -10.29 6.31
N GLN A 808 -31.06 -11.60 6.54
CA GLN A 808 -31.56 -12.25 7.75
C GLN A 808 -30.75 -11.85 8.98
N LYS A 809 -29.42 -11.87 8.85
CA LYS A 809 -28.52 -11.55 9.99
C LYS A 809 -28.62 -10.06 10.39
N ILE A 810 -28.75 -9.18 9.40
CA ILE A 810 -28.89 -7.75 9.65
C ILE A 810 -30.16 -7.50 10.48
N ASN A 811 -31.28 -8.07 10.03
CA ASN A 811 -32.56 -7.98 10.76
C ASN A 811 -32.42 -8.47 12.20
N GLU A 812 -31.89 -9.67 12.38
CA GLU A 812 -31.58 -10.16 13.73
C GLU A 812 -30.81 -9.15 14.58
N LEU A 813 -29.71 -8.63 14.02
CA LEU A 813 -28.88 -7.68 14.79
C LEU A 813 -29.65 -6.41 15.11
N LYS A 814 -30.43 -5.91 14.15
CA LYS A 814 -31.26 -4.73 14.41
C LYS A 814 -32.27 -4.96 15.54
N GLU A 815 -32.96 -6.11 15.51
CA GLU A 815 -33.92 -6.46 16.59
C GLU A 815 -33.22 -6.48 17.95
N ALA A 816 -31.98 -6.94 18.02
CA ALA A 816 -31.21 -7.01 19.28
C ALA A 816 -30.57 -5.71 19.78
N GLY A 817 -30.88 -4.57 19.15
CA GLY A 817 -30.41 -3.24 19.58
C GLY A 817 -29.27 -2.58 18.80
N ILE A 818 -28.71 -3.27 17.78
CA ILE A 818 -27.61 -2.70 16.97
C ILE A 818 -28.21 -1.60 16.08
N LEU A 819 -27.56 -0.44 16.09
CA LEU A 819 -28.00 0.73 15.32
C LEU A 819 -27.60 0.59 13.83
N ILE A 820 -28.62 0.52 12.96
CA ILE A 820 -28.44 0.52 11.51
C ILE A 820 -28.97 1.86 11.00
N PRO A 821 -28.10 2.87 10.85
CA PRO A 821 -28.62 4.20 10.53
C PRO A 821 -29.20 4.37 9.12
N SER A 822 -30.10 5.34 9.01
CA SER A 822 -30.79 5.66 7.77
C SER A 822 -29.92 6.72 7.06
N LEU A 823 -29.67 6.49 5.77
CA LEU A 823 -28.68 7.25 5.00
C LEU A 823 -29.35 8.14 3.96
N PRO A 824 -28.82 9.35 3.67
CA PRO A 824 -27.60 9.91 4.32
C PRO A 824 -27.81 10.35 5.76
N TYR A 825 -26.88 10.05 6.64
CA TYR A 825 -27.01 10.44 8.04
C TYR A 825 -26.54 11.88 8.21
N LYS A 826 -27.43 12.76 8.69
CA LYS A 826 -27.19 14.22 8.65
C LYS A 826 -26.86 14.90 9.99
N GLU A 827 -26.96 14.21 11.12
CA GLU A 827 -26.59 14.84 12.38
C GLU A 827 -25.08 14.79 12.60
N ASP A 828 -24.59 15.68 13.45
CA ASP A 828 -23.19 15.79 13.82
C ASP A 828 -22.59 14.53 14.43
N ASP A 829 -23.40 13.73 15.13
CA ASP A 829 -22.91 12.59 15.85
C ASP A 829 -24.08 11.62 16.15
N PHE A 830 -23.84 10.58 16.92
CA PHE A 830 -24.87 9.59 17.32
C PHE A 830 -25.36 9.76 18.78
N SER A 831 -25.21 10.95 19.38
CA SER A 831 -25.60 11.16 20.78
C SER A 831 -27.12 11.02 21.00
N SER A 832 -27.92 11.28 19.95
CA SER A 832 -29.38 11.01 19.95
C SER A 832 -29.74 9.59 20.32
N TYR A 833 -28.86 8.64 19.93
CA TYR A 833 -29.07 7.24 20.20
C TYR A 833 -28.30 6.73 21.41
N GLY A 834 -27.80 7.61 22.27
CA GLY A 834 -26.96 7.20 23.42
C GLY A 834 -25.46 6.95 23.18
N LEU A 835 -24.97 7.30 21.98
CA LEU A 835 -23.55 7.02 21.60
C LEU A 835 -22.78 8.32 21.37
N GLU A 836 -22.08 8.74 22.42
CA GLU A 836 -21.28 9.95 22.42
C GLU A 836 -19.94 9.67 21.73
N ARG A 837 -19.27 10.73 21.29
CA ARG A 837 -17.92 10.62 20.73
C ARG A 837 -16.97 10.07 21.79
N ASP A 838 -16.01 9.26 21.37
CA ASP A 838 -15.00 8.73 22.27
C ASP A 838 -14.01 9.81 22.73
N LEU A 839 -13.41 10.53 21.80
CA LEU A 839 -12.51 11.62 22.14
C LEU A 839 -12.89 12.85 21.34
N ILE A 840 -13.05 13.98 22.05
CA ILE A 840 -13.30 15.28 21.44
C ILE A 840 -12.04 16.11 21.53
N VAL A 841 -11.43 16.33 20.37
CA VAL A 841 -10.25 17.18 20.23
C VAL A 841 -10.38 18.07 18.97
N PRO A 842 -9.55 19.13 18.88
CA PRO A 842 -9.48 19.89 17.61
C PRO A 842 -8.92 19.08 16.41
N GLU A 843 -8.95 19.70 15.24
CA GLU A 843 -8.49 19.09 14.00
C GLU A 843 -6.97 18.92 14.07
N ASN A 844 -6.44 18.03 13.22
CA ASN A 844 -4.98 17.76 13.13
C ASN A 844 -4.38 17.23 14.45
N ILE A 845 -5.17 16.39 15.12
CA ILE A 845 -4.80 15.65 16.32
C ILE A 845 -5.20 14.21 16.06
N ALA A 846 -4.21 13.34 15.98
CA ALA A 846 -4.39 11.92 15.67
C ALA A 846 -4.52 11.19 16.99
N TRP A 847 -5.37 10.18 17.04
CA TRP A 847 -5.60 9.43 18.29
C TRP A 847 -6.05 7.99 18.12
N THR A 848 -5.83 7.19 19.18
CA THR A 848 -6.46 5.85 19.26
C THR A 848 -6.74 5.51 20.73
N HIS A 849 -7.63 4.56 20.96
CA HIS A 849 -8.07 4.16 22.31
C HIS A 849 -7.99 2.63 22.50
N ARG A 850 -7.28 2.22 23.56
CA ARG A 850 -7.23 0.78 23.92
C ARG A 850 -7.73 0.57 25.33
N GLN A 851 -8.29 -0.62 25.59
CA GLN A 851 -8.89 -0.93 26.90
C GLN A 851 -8.69 -2.41 27.27
N GLY A 852 -8.39 -2.63 28.56
CA GLY A 852 -8.30 -3.98 29.13
C GLY A 852 -8.51 -3.96 30.65
N GLU A 853 -8.20 -5.07 31.30
CA GLU A 853 -8.46 -5.27 32.74
C GLU A 853 -7.74 -4.23 33.65
N GLN A 854 -6.53 -3.85 33.26
CA GLN A 854 -5.79 -2.79 33.96
C GLN A 854 -6.20 -1.35 33.60
N GLY A 855 -7.15 -1.18 32.68
CA GLY A 855 -7.76 0.14 32.45
C GLY A 855 -7.70 0.60 31.01
N ASP A 856 -7.81 1.93 30.80
CA ASP A 856 -7.91 2.56 29.48
C ASP A 856 -6.71 3.45 29.18
N ILE A 857 -6.41 3.54 27.86
CA ILE A 857 -5.24 4.26 27.33
C ILE A 857 -5.70 4.99 26.06
N TYR A 858 -5.45 6.29 26.01
CA TYR A 858 -5.63 7.14 24.81
C TYR A 858 -4.25 7.61 24.35
N PHE A 859 -3.90 7.34 23.09
CA PHE A 859 -2.75 7.96 22.42
C PHE A 859 -3.24 9.25 21.75
N ILE A 860 -2.54 10.36 21.97
CA ILE A 860 -2.93 11.65 21.42
C ILE A 860 -1.68 12.31 20.84
N ALA A 861 -1.72 12.71 19.55
CA ALA A 861 -0.54 13.19 18.85
C ALA A 861 -0.77 14.42 17.99
N ASN A 862 0.02 15.47 18.20
CA ASN A 862 -0.05 16.74 17.45
C ASN A 862 0.54 16.48 16.06
N GLN A 863 -0.25 16.71 15.01
CA GLN A 863 0.21 16.56 13.62
C GLN A 863 0.85 17.81 12.99
N LEU A 864 0.86 18.94 13.71
CA LEU A 864 1.35 20.21 13.21
C LEU A 864 2.73 20.57 13.78
N GLU A 865 3.47 21.34 12.97
CA GLU A 865 4.75 21.92 13.37
C GLU A 865 4.51 23.22 14.18
N GLU A 866 3.73 23.12 15.26
CA GLU A 866 3.35 24.29 16.10
C GLU A 866 3.23 23.81 17.51
N THR A 867 3.53 24.68 18.47
CA THR A 867 3.18 24.42 19.86
C THR A 867 1.70 24.75 20.07
N ARG A 868 0.93 23.85 20.69
CA ARG A 868 -0.52 24.02 20.83
C ARG A 868 -1.05 23.66 22.20
N THR A 869 -2.05 24.39 22.65
CA THR A 869 -2.72 24.15 23.91
C THR A 869 -4.20 24.05 23.65
N PHE A 870 -4.82 22.95 24.10
CA PHE A 870 -6.22 22.65 23.80
C PHE A 870 -6.80 21.74 24.87
N THR A 871 -8.13 21.68 24.90
CA THR A 871 -8.92 20.75 25.72
C THR A 871 -9.08 19.38 25.03
N ALA A 872 -8.93 18.30 25.77
CA ALA A 872 -9.25 16.96 25.30
C ALA A 872 -10.30 16.39 26.23
N SER A 873 -11.43 15.96 25.68
CA SER A 873 -12.56 15.39 26.48
C SER A 873 -12.79 13.94 26.15
N MET A 874 -12.61 13.08 27.14
CA MET A 874 -12.65 11.63 26.93
C MET A 874 -13.91 11.01 27.52
N ARG A 875 -14.36 9.92 26.90
CA ARG A 875 -15.57 9.21 27.32
C ARG A 875 -15.24 8.25 28.47
N ILE A 876 -14.87 8.82 29.60
CA ILE A 876 -14.44 8.09 30.80
C ILE A 876 -15.07 8.84 31.96
N ASP A 877 -15.76 8.12 32.85
CA ASP A 877 -16.51 8.73 33.97
C ASP A 877 -15.89 8.39 35.32
N GLY A 878 -15.40 9.42 36.00
CA GLY A 878 -14.96 9.32 37.40
C GLY A 878 -13.72 8.50 37.68
N ARG A 879 -12.77 8.46 36.74
CA ARG A 879 -11.47 7.90 37.02
C ARG A 879 -10.37 8.94 36.85
N LYS A 880 -9.26 8.71 37.54
CA LYS A 880 -8.14 9.66 37.58
C LYS A 880 -7.12 9.43 36.41
N PRO A 881 -6.90 10.45 35.55
CA PRO A 881 -5.97 10.31 34.42
C PRO A 881 -4.53 10.63 34.79
N GLU A 882 -3.59 10.03 34.06
CA GLU A 882 -2.16 10.33 34.16
C GLU A 882 -1.60 10.56 32.73
N CYS A 883 -0.48 11.27 32.65
CA CYS A 883 0.14 11.64 31.39
C CYS A 883 1.53 10.97 31.29
N TRP A 884 1.68 10.00 30.38
CA TRP A 884 2.94 9.24 30.21
C TRP A 884 3.67 9.72 28.94
N ASN A 885 4.94 10.11 29.04
CA ASN A 885 5.69 10.74 27.94
C ASN A 885 6.60 9.67 27.22
N PRO A 886 6.23 9.26 25.97
CA PRO A 886 6.98 8.18 25.30
C PRO A 886 8.40 8.51 24.87
N VAL A 887 8.74 9.77 24.64
CA VAL A 887 10.10 10.16 24.27
C VAL A 887 11.08 10.01 25.45
N THR A 888 10.63 10.38 26.65
CA THR A 888 11.53 10.43 27.82
C THR A 888 11.29 9.32 28.80
N GLY A 889 10.14 8.63 28.73
CA GLY A 889 9.76 7.63 29.74
C GLY A 889 9.17 8.17 31.06
N GLU A 890 9.06 9.50 31.23
CA GLU A 890 8.49 10.11 32.47
C GLU A 890 6.99 9.91 32.59
N ILE A 891 6.53 9.76 33.82
CA ILE A 891 5.13 9.55 34.15
C ILE A 891 4.70 10.66 35.14
N ASN A 892 3.67 11.42 34.79
CA ASN A 892 3.08 12.38 35.70
C ASN A 892 1.70 11.86 36.11
N ALA A 893 1.64 11.33 37.33
CA ALA A 893 0.42 10.72 37.88
C ALA A 893 -0.58 11.72 38.49
N ASP A 894 -0.24 13.01 38.54
CA ASP A 894 -1.11 14.01 39.14
C ASP A 894 -1.15 15.25 38.23
N ILE A 895 -1.87 15.09 37.12
CA ILE A 895 -2.21 16.19 36.22
C ILE A 895 -3.59 16.72 36.63
N PRO A 896 -3.84 18.04 36.41
CA PRO A 896 -5.18 18.59 36.67
C PRO A 896 -6.22 18.03 35.71
N TYR A 897 -7.46 17.91 36.15
CA TYR A 897 -8.54 17.41 35.31
C TYR A 897 -9.88 17.83 35.86
N GLU A 898 -10.92 17.79 35.03
CA GLU A 898 -12.25 18.22 35.45
C GLU A 898 -13.28 17.22 34.95
N GLN A 899 -14.25 16.92 35.79
CA GLN A 899 -15.31 15.95 35.50
C GLN A 899 -16.57 16.73 35.25
N LYS A 900 -17.15 16.52 34.08
CA LYS A 900 -18.16 17.42 33.55
C LYS A 900 -19.08 16.65 32.62
N SER A 901 -20.38 16.63 32.92
CA SER A 901 -21.37 15.87 32.15
C SER A 901 -20.97 14.40 31.95
N HIS A 902 -20.44 13.79 33.02
CA HIS A 902 -19.94 12.38 33.00
C HIS A 902 -18.80 12.02 32.01
N ARG A 903 -18.03 13.03 31.59
CA ARG A 903 -16.82 12.86 30.79
C ARG A 903 -15.64 13.38 31.64
N THR A 904 -14.41 13.17 31.15
CA THR A 904 -13.21 13.70 31.80
C THR A 904 -12.48 14.62 30.81
N GLU A 905 -12.15 15.84 31.24
CA GLU A 905 -11.44 16.79 30.42
C GLU A 905 -10.09 17.14 30.99
N ILE A 906 -9.11 17.29 30.12
CA ILE A 906 -7.77 17.77 30.54
C ILE A 906 -7.35 18.88 29.59
N THR A 907 -6.40 19.71 30.00
CA THR A 907 -5.80 20.68 29.13
C THR A 907 -4.40 20.23 28.77
N LEU A 908 -4.09 20.08 27.47
CA LEU A 908 -2.78 19.58 27.04
C LEU A 908 -2.03 20.66 26.33
N THR A 909 -0.74 20.75 26.60
CA THR A 909 0.17 21.53 25.76
C THR A 909 1.10 20.56 25.03
N LEU A 910 1.05 20.54 23.68
CA LEU A 910 1.95 19.70 22.86
C LEU A 910 2.88 20.57 22.02
N ALA A 911 4.18 20.26 22.07
CA ALA A 911 5.17 20.93 21.21
C ALA A 911 5.03 20.38 19.76
N PRO A 912 5.79 20.93 18.80
CA PRO A 912 5.68 20.42 17.41
C PRO A 912 5.83 18.88 17.27
N ASN A 913 4.80 18.24 16.73
CA ASN A 913 4.79 16.76 16.46
C ASN A 913 4.76 15.90 17.71
N GLU A 914 4.48 16.53 18.85
CA GLU A 914 4.65 15.81 20.13
C GLU A 914 3.42 14.98 20.35
N SER A 915 3.61 13.84 21.02
CA SER A 915 2.55 12.92 21.38
C SER A 915 2.66 12.51 22.85
N VAL A 916 1.58 11.98 23.38
CA VAL A 916 1.49 11.64 24.78
C VAL A 916 0.47 10.52 24.96
N PHE A 917 0.60 9.71 26.03
CA PHE A 917 -0.42 8.73 26.42
C PHE A 917 -1.17 9.18 27.68
N ILE A 918 -2.51 9.16 27.64
CA ILE A 918 -3.36 9.44 28.80
C ILE A 918 -3.86 8.09 29.30
N VAL A 919 -3.47 7.72 30.53
CA VAL A 919 -3.73 6.38 31.08
C VAL A 919 -4.63 6.50 32.30
N TYR A 920 -5.65 5.64 32.38
CA TYR A 920 -6.63 5.60 33.49
C TYR A 920 -6.60 4.21 34.13
N PRO A 921 -6.06 4.08 35.36
CA PRO A 921 -6.19 2.81 36.11
C PRO A 921 -7.64 2.33 36.28
N ALA A 922 -7.83 1.02 36.43
CA ALA A 922 -9.13 0.44 36.82
C ALA A 922 -9.49 0.81 38.27
N THR A 947 17.02 32.40 31.42
CA THR A 947 18.31 33.09 31.41
C THR A 947 19.27 32.52 30.35
N GLY A 948 20.01 33.41 29.70
CA GLY A 948 21.05 33.05 28.74
C GLY A 948 22.17 32.24 29.36
N LEU A 949 22.68 31.28 28.60
CA LEU A 949 23.89 30.59 28.96
C LEU A 949 25.03 31.54 28.61
N GLU A 950 26.08 31.54 29.42
CA GLU A 950 27.28 32.35 29.13
C GLU A 950 28.49 31.44 29.14
N ALA A 951 28.97 31.15 27.93
CA ALA A 951 29.94 30.10 27.67
C ALA A 951 31.30 30.69 27.40
N THR A 952 32.31 29.93 27.75
CA THR A 952 33.67 30.22 27.33
C THR A 952 33.86 29.80 25.86
N GLU A 953 35.07 30.01 25.35
CA GLU A 953 35.51 29.51 24.02
C GLU A 953 35.01 28.08 23.68
N TYR A 954 34.28 27.94 22.57
CA TYR A 954 33.91 26.59 22.09
C TYR A 954 35.13 25.92 21.40
N THR A 955 35.41 24.67 21.73
CA THR A 955 36.21 23.81 20.85
C THR A 955 35.25 22.89 20.07
N VAL A 956 35.26 22.98 18.73
CA VAL A 956 34.38 22.16 17.85
C VAL A 956 35.24 21.19 17.02
N THR A 957 35.05 19.88 17.24
CA THR A 957 35.83 18.85 16.54
C THR A 957 34.97 18.02 15.56
N PHE A 958 35.30 18.10 14.28
CA PHE A 958 34.57 17.41 13.21
C PHE A 958 35.14 16.02 13.04
N THR A 959 34.46 15.05 13.61
CA THR A 959 34.94 13.69 13.77
C THR A 959 35.45 13.05 12.47
N ALA A 960 34.66 13.13 11.40
CA ALA A 960 34.95 12.37 10.17
C ALA A 960 36.26 12.76 9.46
N ASN A 961 36.69 14.01 9.60
CA ASN A 961 37.91 14.52 8.92
C ASN A 961 38.97 15.12 9.88
N GLY A 962 38.77 14.95 11.20
CA GLY A 962 39.71 15.40 12.22
C GLY A 962 39.93 16.90 12.43
N LYS A 963 39.20 17.76 11.72
CA LYS A 963 39.39 19.20 11.88
C LYS A 963 38.86 19.74 13.20
N THR A 964 39.55 20.74 13.74
CA THR A 964 39.19 21.36 15.01
C THR A 964 39.31 22.84 14.85
N ILE A 965 38.35 23.60 15.39
CA ILE A 965 38.40 25.06 15.39
C ILE A 965 37.97 25.65 16.75
N GLN A 966 38.25 26.95 16.92
CA GLN A 966 37.95 27.71 18.14
C GLN A 966 37.05 28.84 17.76
N ARG A 967 35.91 28.94 18.46
CA ARG A 967 34.91 29.98 18.19
C ARG A 967 34.25 30.47 19.47
N GLN A 968 33.97 31.76 19.52
CA GLN A 968 33.15 32.33 20.59
C GLN A 968 31.67 32.04 20.34
N GLU A 969 31.20 32.29 19.11
CA GLU A 969 29.76 32.19 18.79
C GLU A 969 29.41 30.91 18.02
N LEU A 970 28.18 30.44 18.23
CA LEU A 970 27.62 29.31 17.48
C LEU A 970 27.42 29.70 16.02
N PHE A 971 27.45 28.70 15.13
CA PHE A 971 27.47 28.97 13.70
C PHE A 971 26.89 27.81 12.86
N ASP A 972 26.35 28.17 11.69
CA ASP A 972 25.85 27.22 10.69
C ASP A 972 27.04 26.72 9.85
N TRP A 973 27.32 25.42 9.92
CA TRP A 973 28.44 24.78 9.17
C TRP A 973 28.40 25.15 7.68
N SER A 974 27.17 25.17 7.14
CA SER A 974 26.98 25.35 5.71
C SER A 974 27.29 26.75 5.18
N LYS A 975 27.42 27.74 6.07
CA LYS A 975 27.85 29.10 5.69
C LYS A 975 29.35 29.39 5.91
N GLU A 976 30.18 28.37 6.18
CA GLU A 976 31.64 28.57 6.36
C GLU A 976 32.40 28.63 5.02
N GLU A 977 33.50 29.38 5.02
CA GLU A 977 34.36 29.53 3.83
C GLU A 977 35.19 28.27 3.59
N ASP A 978 35.69 27.66 4.67
CA ASP A 978 36.39 26.39 4.59
C ASP A 978 35.47 25.24 4.10
N GLU A 979 35.82 24.65 2.95
CA GLU A 979 35.00 23.64 2.28
C GLU A 979 34.82 22.33 3.04
N GLN A 980 35.82 21.94 3.80
CA GLN A 980 35.72 20.76 4.63
C GLN A 980 34.70 20.90 5.77
N ILE A 981 34.26 22.11 6.07
CA ILE A 981 33.16 22.34 7.03
C ILE A 981 31.84 22.64 6.30
N ARG A 982 31.90 23.53 5.30
CA ARG A 982 30.73 23.94 4.51
C ARG A 982 29.91 22.75 3.96
N TYR A 983 30.62 21.74 3.43
CA TYR A 983 30.02 20.55 2.82
C TYR A 983 30.04 19.35 3.76
N TYR A 984 30.25 19.56 5.06
CA TYR A 984 30.35 18.44 6.01
C TYR A 984 28.98 17.80 6.31
N SER A 985 29.00 16.47 6.38
CA SER A 985 27.92 15.65 6.92
C SER A 985 28.54 14.67 7.90
N GLY A 986 27.93 14.48 9.06
CA GLY A 986 28.42 13.55 10.08
C GLY A 986 28.23 14.20 11.42
N THR A 987 29.18 13.98 12.32
CA THR A 987 29.08 14.36 13.73
C THR A 987 30.20 15.35 14.12
N ALA A 988 29.81 16.37 14.89
CA ALA A 988 30.74 17.31 15.47
C ALA A 988 30.50 17.42 16.98
N VAL A 989 31.61 17.56 17.71
CA VAL A 989 31.64 17.55 19.18
C VAL A 989 32.00 18.94 19.66
N TYR A 990 31.05 19.59 20.33
CA TYR A 990 31.22 20.93 20.89
C TYR A 990 31.58 20.79 22.37
N LYS A 991 32.63 21.49 22.80
CA LYS A 991 33.04 21.50 24.23
C LYS A 991 33.24 22.92 24.75
N THR A 992 32.65 23.22 25.90
CA THR A 992 32.78 24.51 26.54
C THR A 992 32.56 24.37 28.06
N THR A 993 32.53 25.50 28.77
CA THR A 993 32.19 25.52 30.20
C THR A 993 31.24 26.67 30.51
N PHE A 994 30.47 26.49 31.57
CA PHE A 994 29.60 27.55 32.09
C PHE A 994 29.61 27.55 33.61
N ARG A 995 29.19 28.67 34.20
CA ARG A 995 29.13 28.84 35.64
C ARG A 995 27.68 28.70 36.11
N TRP A 996 27.46 27.88 37.13
CA TRP A 996 26.16 27.83 37.80
C TRP A 996 26.31 28.55 39.16
N LYS A 997 25.39 29.47 39.45
CA LYS A 997 25.48 30.41 40.58
C LYS A 997 25.25 29.70 41.94
N SER A 998 24.08 29.08 42.11
CA SER A 998 23.66 28.48 43.39
C SER A 998 23.62 26.96 43.35
N LYS A 999 23.57 26.33 44.52
CA LYS A 999 23.29 24.90 44.64
C LYS A 999 21.84 24.63 44.20
N VAL A 1000 21.63 23.46 43.61
CA VAL A 1000 20.32 23.03 43.14
C VAL A 1000 19.46 22.73 44.36
N LYS A 1001 18.31 23.42 44.45
CA LYS A 1001 17.39 23.26 45.58
C LYS A 1001 16.55 21.99 45.43
N GLU A 1002 15.80 21.64 46.48
CA GLU A 1002 14.89 20.50 46.43
C GLU A 1002 13.67 20.83 45.55
N ASP A 1003 13.22 19.83 44.79
CA ASP A 1003 12.11 20.01 43.84
C ASP A 1003 12.32 21.16 42.82
N GLN A 1004 13.57 21.50 42.56
CA GLN A 1004 13.95 22.44 41.52
C GLN A 1004 14.42 21.58 40.32
N GLN A 1005 13.92 21.89 39.12
CA GLN A 1005 14.25 21.16 37.89
C GLN A 1005 14.87 22.14 36.88
N VAL A 1006 16.02 21.77 36.31
CA VAL A 1006 16.72 22.62 35.34
C VAL A 1006 16.84 21.93 33.97
N TYR A 1007 16.42 22.66 32.93
CA TYR A 1007 16.52 22.23 31.53
C TYR A 1007 17.54 23.12 30.81
N LEU A 1008 18.41 22.51 29.99
CA LEU A 1008 19.19 23.27 29.00
C LEU A 1008 18.39 23.27 27.68
N ASN A 1009 17.80 24.41 27.29
CA ASN A 1009 17.13 24.56 25.99
C ASN A 1009 18.16 24.79 24.90
N LEU A 1010 18.09 23.99 23.85
CA LEU A 1010 19.09 23.99 22.77
C LEU A 1010 18.81 24.95 21.63
N GLY A 1011 17.63 25.56 21.61
CA GLY A 1011 17.21 26.39 20.48
C GLY A 1011 17.09 25.54 19.22
N LYS A 1012 17.71 26.00 18.12
CA LYS A 1012 17.59 25.35 16.83
C LYS A 1012 18.74 24.32 16.64
N VAL A 1013 18.38 23.05 16.52
CA VAL A 1013 19.32 21.94 16.33
C VAL A 1013 19.18 21.35 14.91
N CYS A 1014 20.29 21.22 14.18
CA CYS A 1014 20.28 20.71 12.82
C CYS A 1014 21.27 19.53 12.74
N ASP A 1015 20.89 18.29 13.10
CA ASP A 1015 19.50 17.83 13.32
C ASP A 1015 19.23 17.08 14.64
N LEU A 1016 20.23 16.45 15.23
CA LEU A 1016 20.10 15.92 16.58
C LEU A 1016 21.34 16.17 17.43
N ALA A 1017 21.15 16.14 18.74
CA ALA A 1017 22.19 16.51 19.71
C ALA A 1017 22.14 15.63 20.96
N THR A 1018 23.29 15.11 21.40
CA THR A 1018 23.38 14.41 22.69
C THR A 1018 24.13 15.32 23.68
N VAL A 1019 23.59 15.44 24.89
CA VAL A 1019 24.09 16.39 25.88
C VAL A 1019 24.73 15.66 27.08
N ARG A 1020 25.88 16.19 27.50
CA ARG A 1020 26.68 15.67 28.60
C ARG A 1020 27.14 16.83 29.48
N VAL A 1021 26.87 16.73 30.78
CA VAL A 1021 27.19 17.76 31.76
C VAL A 1021 28.07 17.13 32.85
N ASN A 1022 29.30 17.62 32.98
CA ASN A 1022 30.30 17.03 33.90
C ASN A 1022 30.42 15.51 33.66
N GLY A 1023 30.40 15.11 32.39
CA GLY A 1023 30.54 13.70 31.97
C GLY A 1023 29.31 12.80 32.04
N ILE A 1024 28.19 13.36 32.51
CA ILE A 1024 26.94 12.62 32.76
C ILE A 1024 26.01 12.83 31.54
N ASP A 1025 25.57 11.73 30.94
CA ASP A 1025 24.70 11.76 29.75
C ASP A 1025 23.29 12.17 30.17
N CYS A 1026 22.85 13.29 29.61
CA CYS A 1026 21.55 13.86 29.87
C CYS A 1026 20.59 13.73 28.66
N GLY A 1027 20.91 12.86 27.70
CA GLY A 1027 19.95 12.46 26.64
C GLY A 1027 20.36 12.76 25.19
N THR A 1028 19.78 11.99 24.28
CA THR A 1028 19.82 12.26 22.83
C THR A 1028 18.52 12.99 22.45
N ILE A 1029 18.65 14.24 22.05
CA ILE A 1029 17.52 15.08 21.76
C ILE A 1029 17.31 15.10 20.23
N TRP A 1030 16.15 14.61 19.79
CA TRP A 1030 15.82 14.43 18.36
C TRP A 1030 14.48 15.02 17.87
N THR A 1031 13.61 15.43 18.80
CA THR A 1031 12.30 15.99 18.46
C THR A 1031 11.88 17.04 19.50
N ALA A 1032 10.90 17.90 19.18
CA ALA A 1032 10.46 18.95 20.15
C ALA A 1032 9.86 18.40 21.46
N PRO A 1033 10.12 19.04 22.60
CA PRO A 1033 10.94 20.26 22.73
C PRO A 1033 12.44 19.93 22.74
N TYR A 1034 13.24 20.78 22.11
CA TYR A 1034 14.66 20.58 21.99
C TYR A 1034 15.37 21.09 23.27
N ARG A 1035 15.36 20.23 24.29
CA ARG A 1035 15.93 20.50 25.64
C ARG A 1035 16.32 19.20 26.34
N ALA A 1036 17.31 19.31 27.24
CA ALA A 1036 17.77 18.17 28.09
C ALA A 1036 17.63 18.50 29.59
N ASP A 1037 17.17 17.53 30.39
CA ASP A 1037 17.08 17.68 31.86
C ASP A 1037 18.47 17.43 32.45
N ILE A 1038 19.09 18.51 32.91
CA ILE A 1038 20.46 18.47 33.49
C ILE A 1038 20.48 18.59 35.03
N THR A 1039 19.32 18.46 35.67
CA THR A 1039 19.17 18.69 37.10
C THR A 1039 20.23 17.94 37.90
N ALA A 1040 20.27 16.63 37.76
CA ALA A 1040 21.15 15.78 38.54
C ALA A 1040 22.64 15.94 38.24
N ALA A 1041 22.98 16.42 37.05
CA ALA A 1041 24.38 16.59 36.65
C ALA A 1041 25.00 17.93 37.10
N LEU A 1042 24.19 18.90 37.51
CA LEU A 1042 24.69 20.24 37.84
C LEU A 1042 25.47 20.31 39.17
N LYS A 1043 26.44 21.21 39.25
CA LYS A 1043 27.09 21.61 40.51
C LYS A 1043 27.33 23.13 40.52
N LYS A 1044 27.48 23.70 41.72
CA LYS A 1044 27.87 25.11 41.85
C LYS A 1044 29.31 25.24 41.36
N GLY A 1045 29.61 26.40 40.78
CA GLY A 1045 30.91 26.67 40.17
C GLY A 1045 30.90 26.39 38.67
N VAL A 1046 32.07 26.01 38.16
CA VAL A 1046 32.24 25.77 36.74
C VAL A 1046 31.76 24.34 36.42
N ASN A 1047 30.95 24.21 35.36
CA ASN A 1047 30.51 22.90 34.85
C ASN A 1047 31.07 22.63 33.44
N GLU A 1048 31.36 21.37 33.14
CA GLU A 1048 31.81 20.98 31.80
C GLU A 1048 30.65 20.55 30.92
N LEU A 1049 30.58 21.14 29.71
CA LEU A 1049 29.46 20.98 28.77
C LEU A 1049 29.97 20.45 27.44
N GLU A 1050 29.55 19.24 27.09
CA GLU A 1050 29.86 18.60 25.81
C GLU A 1050 28.54 18.22 25.07
N ILE A 1051 28.42 18.65 23.81
CA ILE A 1051 27.23 18.35 22.99
C ILE A 1051 27.67 17.75 21.63
N GLU A 1052 27.27 16.50 21.32
CA GLU A 1052 27.54 15.88 20.00
C GLU A 1052 26.39 16.14 19.03
N VAL A 1053 26.65 16.79 17.89
CA VAL A 1053 25.59 17.17 16.92
C VAL A 1053 25.83 16.48 15.60
N THR A 1054 24.74 15.95 15.00
CA THR A 1054 24.76 15.20 13.75
C THR A 1054 23.69 15.70 12.76
N ASN A 1055 24.08 15.95 11.51
CA ASN A 1055 23.16 16.32 10.43
C ASN A 1055 22.84 15.10 9.51
N THR A 1056 22.54 15.38 8.24
CA THR A 1056 22.27 14.36 7.20
C THR A 1056 23.34 14.43 6.09
N TRP A 1057 23.29 13.44 5.18
CA TRP A 1057 24.28 13.22 4.13
C TRP A 1057 24.18 14.21 2.95
N ALA A 1058 23.10 14.99 2.88
CA ALA A 1058 22.82 15.82 1.68
C ALA A 1058 23.99 16.71 1.31
N ASN A 1059 24.52 17.44 2.29
CA ASN A 1059 25.57 18.41 2.04
C ASN A 1059 26.88 17.75 1.53
N ALA A 1060 27.29 16.65 2.11
CA ALA A 1060 28.51 15.94 1.66
C ALA A 1060 28.40 15.35 0.25
N LEU A 1061 27.18 14.90 -0.11
CA LEU A 1061 26.97 14.30 -1.43
C LEU A 1061 26.98 15.37 -2.53
N LYS A 1062 26.44 16.55 -2.24
CA LYS A 1062 26.50 17.70 -3.13
C LYS A 1062 27.97 18.09 -3.32
N GLY A 1063 28.71 18.25 -2.21
CA GLY A 1063 30.17 18.39 -2.22
C GLY A 1063 30.89 17.37 -3.09
N ALA A 1064 30.64 16.09 -2.85
CA ALA A 1064 31.31 15.05 -3.64
C ALA A 1064 30.92 15.07 -5.14
N ASP A 1065 29.63 15.23 -5.41
CA ASP A 1065 29.15 15.43 -6.77
C ASP A 1065 29.91 16.58 -7.51
N GLU A 1066 30.32 17.62 -6.80
CA GLU A 1066 30.99 18.78 -7.41
C GLU A 1066 32.56 18.80 -7.28
N GLY A 1067 33.17 17.67 -6.89
CA GLY A 1067 34.64 17.57 -6.70
C GLY A 1067 35.16 18.25 -5.45
N LYS A 1068 34.29 18.41 -4.44
CA LYS A 1068 34.62 19.02 -3.16
C LYS A 1068 34.16 18.16 -2.01
N ALA A 1069 34.53 16.89 -2.03
CA ALA A 1069 34.20 15.97 -0.95
C ALA A 1069 34.89 16.43 0.34
N PRO A 1070 34.16 16.48 1.47
CA PRO A 1070 34.78 16.96 2.71
C PRO A 1070 35.68 15.92 3.43
N PHE A 1071 35.68 14.68 2.95
CA PHE A 1071 36.55 13.57 3.39
C PHE A 1071 36.50 12.45 2.36
N ASP A 1072 37.38 11.46 2.55
CA ASP A 1072 37.50 10.31 1.65
C ASP A 1072 36.43 9.26 1.87
N GLY A 1073 36.30 8.37 0.89
CA GLY A 1073 35.43 7.19 0.97
C GLY A 1073 33.94 7.42 0.73
N ILE A 1074 33.55 8.55 0.13
CA ILE A 1074 32.13 8.81 -0.14
C ILE A 1074 31.71 8.08 -1.42
N TRP A 1075 30.70 7.21 -1.35
CA TRP A 1075 30.12 6.54 -2.54
C TRP A 1075 28.70 6.00 -2.24
N THR A 1076 27.77 6.18 -3.19
CA THR A 1076 26.50 5.43 -3.15
C THR A 1076 25.94 5.21 -4.58
N ASN A 1077 25.23 4.10 -4.78
CA ASN A 1077 24.48 3.88 -6.03
C ASN A 1077 23.16 4.66 -6.11
N ALA A 1078 22.77 5.35 -5.02
CA ALA A 1078 21.61 6.25 -5.01
C ALA A 1078 21.92 7.50 -5.80
N LYS A 1079 21.19 7.70 -6.89
CA LYS A 1079 21.46 8.79 -7.84
CA LYS A 1079 21.47 8.80 -7.81
C LYS A 1079 20.60 10.03 -7.60
N TYR A 1080 19.48 9.92 -6.85
CA TYR A 1080 18.55 11.07 -6.76
C TYR A 1080 19.05 12.13 -5.81
N ARG A 1081 18.77 13.40 -6.13
CA ARG A 1081 19.14 14.55 -5.29
C ARG A 1081 18.01 15.57 -5.23
N ARG A 1082 18.04 16.41 -4.20
CA ARG A 1082 17.13 17.55 -4.09
C ARG A 1082 17.28 18.47 -5.31
N ALA A 1083 16.15 18.88 -5.90
CA ALA A 1083 16.13 19.79 -7.04
C ALA A 1083 16.66 21.20 -6.74
N GLU A 1084 16.48 21.64 -5.50
CA GLU A 1084 16.82 22.99 -5.06
C GLU A 1084 18.31 23.36 -5.26
N ASN A 1085 19.23 22.39 -5.20
CA ASN A 1085 20.70 22.61 -5.33
C ASN A 1085 21.30 23.57 -4.26
N THR A 1086 20.70 23.56 -3.05
CA THR A 1086 21.15 24.37 -1.92
C THR A 1086 21.74 23.50 -0.80
N LEU A 1087 22.68 24.09 -0.05
CA LEU A 1087 23.19 23.47 1.17
C LEU A 1087 22.16 23.62 2.27
N LEU A 1088 21.96 22.57 3.05
CA LEU A 1088 20.98 22.62 4.14
C LEU A 1088 21.62 23.20 5.40
N PRO A 1089 20.82 23.88 6.24
CA PRO A 1089 21.30 24.29 7.57
C PRO A 1089 21.89 23.10 8.37
N ALA A 1090 22.93 23.37 9.16
CA ALA A 1090 23.71 22.31 9.80
C ALA A 1090 24.44 22.78 11.08
N GLY A 1091 24.32 21.99 12.16
CA GLY A 1091 25.03 22.20 13.42
C GLY A 1091 24.14 22.67 14.57
N LEU A 1092 24.76 23.01 15.69
CA LEU A 1092 24.06 23.58 16.84
C LEU A 1092 23.92 25.08 16.61
N LEU A 1093 22.72 25.50 16.22
CA LEU A 1093 22.51 26.89 15.88
C LEU A 1093 22.11 27.71 17.09
N GLY A 1094 21.54 27.09 18.12
CA GLY A 1094 21.22 27.83 19.34
C GLY A 1094 20.02 28.77 19.17
N PRO A 1095 19.89 29.78 20.03
CA PRO A 1095 20.76 30.02 21.18
C PRO A 1095 20.50 29.02 22.33
N LEU A 1096 21.48 28.92 23.22
CA LEU A 1096 21.40 28.08 24.42
C LEU A 1096 20.86 28.86 25.63
N ASN A 1097 19.93 28.27 26.37
CA ASN A 1097 19.22 28.95 27.48
C ASN A 1097 18.92 27.97 28.59
N PHE A 1098 18.91 28.44 29.84
CA PHE A 1098 18.47 27.62 30.98
C PHE A 1098 17.01 27.91 31.33
N ASP A 1099 16.29 26.88 31.73
CA ASP A 1099 14.90 26.99 32.14
C ASP A 1099 14.78 26.32 33.52
N VAL A 1100 14.39 27.08 34.54
CA VAL A 1100 14.26 26.57 35.91
C VAL A 1100 12.80 26.62 36.36
N ALA A 1101 12.28 25.51 36.87
CA ALA A 1101 10.89 25.39 37.32
C ALA A 1101 10.82 24.55 38.61
N ASN A 1102 9.63 24.06 38.98
CA ASN A 1102 9.52 23.06 40.04
C ASN A 1102 8.87 21.75 39.55
#